data_7SK9
#
_entry.id   7SK9
#
_cell.length_a   1.00
_cell.length_b   1.00
_cell.length_c   1.00
_cell.angle_alpha   90.00
_cell.angle_beta   90.00
_cell.angle_gamma   90.00
#
_symmetry.space_group_name_H-M   'P 1'
#
loop_
_entity.id
_entity.type
_entity.pdbx_description
1 polymer 'Atypical chemokine receptor 3'
2 polymer 'CID24 Fab heavy chain'
3 polymer 'CID24 Fab light chain'
4 non-polymer (1R)-4-[7-(3-carboxypropoxy)-6-methylquinolin-8-yl]-1-{[2-(4-hydroxypiperidin-1-yl)-1,3-thiazol-4-yl]methyl}-1,4-diazepan-1-ium
5 non-polymer CHOLESTEROL
#
loop_
_entity_poly.entity_id
_entity_poly.type
_entity_poly.pdbx_seq_one_letter_code
_entity_poly.pdbx_strand_id
1 'polypeptide(L)'
;GAPDLHLFDYSEPGNFSDISWPCNSSDCIVVDTVMCPNMPNKSVLLYTLSFIYIFIFVIGMIANSVVVWVNIQAKTTGYD
THCYILNLAIADLWVVLTIPVWVVSLVQHNQWPMGELTCKVTHLIFSINLFGSIFFLTCMSVDRYLSITYFTNTPSSRKK
MVRRVVCILVWLLAFCVSLPDTYYLKTVTSASNNETYCRSFYPEHSIKEWLIGMELVSVVLGFAVPFSIIAVFYFLLARA
ISASSDQEKHSSRKIIFSYVVVFLVCWLPYHVAVLLDIFSILHYIPFTCRLEHALFTALHVTQCLSLVHCCVNPVLYSFI
NRNYRYELMKAFIFKYSAKTGLTKLIDASRVSETEYSALEQSTKGRPLEVLFQGPHHHHHHHHHHDYKDDDDK
;
A
2 'polypeptide(L)'
;EISEVQLVESGGGLVQPGGSLRLSCAASGFNISSSSIHWVRQAPGKGLEWVASISPSYGYTSYADSVKGRFTISADTSKN
TAYLQMNSLRAEDTAVYYCARVSYWDWTWGWSKYEGMDYWGQGTLVTVSSASTKGPSVFPLAPSSKSTSGGTAALGCLVK
DYFPEPVTVSWNSGALTSGVHTFPAVLQSSGLYSLSSVVTVPSSSLGTQTYICNVNHKPSNTKVDKKVEPKSCDKTHT
;
F
3 'polypeptide(L)'
;SDIQMTQSPSSLSASVGDRVTITCRASQSVSSAVAWYQQKPGKAPKLLIYSASSLYSGVPSRFSGSRSGTDFTLTISSLQ
PEDFATYYCQQSYYYPITFGQGTKVEIKRTVAAPSVFIFPPSDSQLKSGTASVVCLLNNFYPREAKVQWKVDNALQSGNS
QESVTEQDSKDSTYSLSSTLTLSKADYEKHKVYACEVTHQGLSSPVTKSFNRGEC
;
E
#
loop_
_chem_comp.id
_chem_comp.type
_chem_comp.name
_chem_comp.formula
CLR non-polymer CHOLESTEROL 'C27 H46 O'
GJ9 non-polymer (1R)-4-[7-(3-carboxypropoxy)-6-methylquinolin-8-yl]-1-{[2-(4-hydroxypiperidin-1-yl)-1,3-thiazol-4-yl]methyl}-1,4-diazepan-1-ium 'C28 H38 N5 O4 S 1'
#
# COMPACT_ATOMS: atom_id res chain seq x y z
N LYS A 42 12.00 58.47 22.44
CA LYS A 42 12.39 57.66 21.29
C LYS A 42 13.16 56.43 21.75
N SER A 43 14.12 56.62 22.66
CA SER A 43 14.89 55.49 23.15
C SER A 43 14.00 54.45 23.81
N VAL A 44 12.87 54.87 24.37
CA VAL A 44 11.93 53.91 24.96
C VAL A 44 11.45 52.94 23.90
N LEU A 45 11.10 53.46 22.73
CA LEU A 45 10.64 52.58 21.65
C LEU A 45 11.72 51.59 21.25
N LEU A 46 12.96 52.06 21.13
CA LEU A 46 14.04 51.17 20.72
C LEU A 46 14.29 50.09 21.77
N TYR A 47 14.22 50.45 23.06
CA TYR A 47 14.41 49.44 24.09
C TYR A 47 13.27 48.42 24.08
N THR A 48 12.03 48.87 23.88
CA THR A 48 10.92 47.93 23.79
C THR A 48 11.11 46.99 22.61
N LEU A 49 11.51 47.54 21.46
CA LEU A 49 11.73 46.70 20.29
C LEU A 49 12.88 45.73 20.53
N SER A 50 13.90 46.14 21.27
CA SER A 50 15.00 45.23 21.58
C SER A 50 14.50 44.07 22.42
N PHE A 51 13.66 44.36 23.42
CA PHE A 51 13.12 43.27 24.24
C PHE A 51 12.29 42.32 23.38
N ILE A 52 11.44 42.87 22.52
CA ILE A 52 10.62 42.02 21.66
C ILE A 52 11.51 41.16 20.77
N TYR A 53 12.58 41.75 20.24
CA TYR A 53 13.48 41.00 19.37
C TYR A 53 14.15 39.86 20.12
N ILE A 54 14.58 40.11 21.37
CA ILE A 54 15.19 39.05 22.15
C ILE A 54 14.21 37.90 22.34
N PHE A 55 12.97 38.23 22.69
CA PHE A 55 11.96 37.17 22.89
C PHE A 55 11.74 36.39 21.60
N ILE A 56 11.61 37.10 20.47
CA ILE A 56 11.38 36.42 19.20
C ILE A 56 12.55 35.52 18.85
N PHE A 57 13.77 36.02 19.06
CA PHE A 57 14.95 35.23 18.77
C PHE A 57 14.94 33.93 19.56
N VAL A 58 14.71 34.03 20.87
CA VAL A 58 14.73 32.83 21.71
C VAL A 58 13.66 31.84 21.24
N ILE A 59 12.43 32.32 21.07
CA ILE A 59 11.33 31.42 20.75
C ILE A 59 11.58 30.75 19.40
N GLY A 60 11.95 31.54 18.40
CA GLY A 60 12.18 30.98 17.09
C GLY A 60 13.31 29.97 17.07
N MET A 61 14.42 30.29 17.75
CA MET A 61 15.53 29.36 17.81
C MET A 61 15.08 28.03 18.39
N ILE A 62 14.41 28.07 19.55
CA ILE A 62 14.00 26.83 20.19
C ILE A 62 13.07 26.03 19.28
N ALA A 63 12.04 26.69 18.76
CA ALA A 63 11.02 25.98 17.99
C ALA A 63 11.62 25.37 16.73
N ASN A 64 12.43 26.14 15.99
CA ASN A 64 12.99 25.63 14.75
C ASN A 64 13.97 24.49 15.03
N SER A 65 14.78 24.61 16.09
CA SER A 65 15.68 23.52 16.41
C SER A 65 14.91 22.24 16.73
N VAL A 66 13.84 22.35 17.51
CA VAL A 66 13.05 21.17 17.84
C VAL A 66 12.46 20.56 16.58
N VAL A 67 11.91 21.40 15.69
CA VAL A 67 11.27 20.89 14.48
C VAL A 67 12.30 20.16 13.61
N VAL A 68 13.47 20.76 13.43
CA VAL A 68 14.49 20.12 12.60
C VAL A 68 14.93 18.80 13.21
N TRP A 69 15.12 18.76 14.52
CA TRP A 69 15.55 17.52 15.17
C TRP A 69 14.50 16.42 14.97
N VAL A 70 13.23 16.75 15.18
CA VAL A 70 12.18 15.75 15.02
C VAL A 70 12.12 15.28 13.57
N ASN A 71 12.25 16.22 12.63
CA ASN A 71 12.19 15.85 11.22
C ASN A 71 13.33 14.90 10.86
N ILE A 72 14.52 15.17 11.37
CA ILE A 72 15.66 14.29 11.08
C ILE A 72 15.44 12.91 11.71
N GLN A 73 14.94 12.88 12.95
CA GLN A 73 14.85 11.61 13.67
C GLN A 73 13.66 10.76 13.25
N ALA A 74 12.61 11.36 12.68
CA ALA A 74 11.39 10.60 12.42
C ALA A 74 11.58 9.56 11.34
N LYS A 75 12.52 9.79 10.41
CA LYS A 75 12.66 8.87 9.27
C LYS A 75 13.04 7.46 9.72
N THR A 76 13.52 7.29 10.94
CA THR A 76 13.85 5.97 11.45
C THR A 76 12.64 5.23 12.03
N THR A 77 11.51 5.90 12.17
CA THR A 77 10.31 5.30 12.73
C THR A 77 9.28 4.94 11.66
N GLY A 78 9.68 4.95 10.39
CA GLY A 78 8.78 4.59 9.32
C GLY A 78 7.92 5.72 8.81
N TYR A 79 8.14 6.95 9.26
CA TYR A 79 7.37 8.08 8.78
C TYR A 79 7.84 8.51 7.39
N ASP A 80 7.12 9.46 6.81
CA ASP A 80 7.48 10.08 5.53
C ASP A 80 7.44 11.59 5.73
N THR A 81 8.54 12.14 6.23
CA THR A 81 8.61 13.57 6.47
C THR A 81 8.78 14.32 5.16
N HIS A 82 8.46 15.61 5.19
CA HIS A 82 8.39 16.45 4.01
C HIS A 82 9.61 17.34 3.94
N CYS A 83 10.21 17.43 2.75
CA CYS A 83 11.43 18.21 2.58
C CYS A 83 11.17 19.69 2.83
N TYR A 84 10.02 20.20 2.38
CA TYR A 84 9.75 21.62 2.47
C TYR A 84 9.74 22.08 3.92
N ILE A 85 9.17 21.29 4.82
CA ILE A 85 9.13 21.68 6.22
C ILE A 85 10.55 21.82 6.78
N LEU A 86 11.41 20.86 6.46
CA LEU A 86 12.79 20.94 6.94
C LEU A 86 13.50 22.16 6.38
N ASN A 87 13.35 22.44 5.09
CA ASN A 87 14.01 23.61 4.51
C ASN A 87 13.49 24.89 5.11
N LEU A 88 12.18 24.98 5.32
CA LEU A 88 11.60 26.17 5.95
C LEU A 88 12.15 26.35 7.35
N ALA A 89 12.27 25.26 8.11
CA ALA A 89 12.84 25.37 9.44
C ALA A 89 14.28 25.86 9.39
N ILE A 90 15.07 25.37 8.43
CA ILE A 90 16.45 25.81 8.32
C ILE A 90 16.50 27.31 8.01
N ALA A 91 15.67 27.77 7.08
CA ALA A 91 15.69 29.18 6.72
C ALA A 91 15.31 30.06 7.91
N ASP A 92 14.26 29.67 8.64
CA ASP A 92 13.88 30.43 9.81
C ASP A 92 15.00 30.43 10.85
N LEU A 93 15.67 29.30 11.01
CA LEU A 93 16.78 29.22 11.96
C LEU A 93 17.88 30.20 11.58
N TRP A 94 18.20 30.30 10.30
CA TRP A 94 19.26 31.23 9.89
C TRP A 94 18.84 32.68 10.14
N VAL A 95 17.60 33.03 9.82
CA VAL A 95 17.16 34.41 10.07
C VAL A 95 17.24 34.72 11.56
N VAL A 96 16.78 33.79 12.40
CA VAL A 96 16.84 34.02 13.83
C VAL A 96 18.28 34.17 14.29
N LEU A 97 19.18 33.36 13.74
CA LEU A 97 20.59 33.48 14.10
C LEU A 97 21.14 34.85 13.73
N THR A 98 20.65 35.45 12.64
CA THR A 98 21.15 36.75 12.23
C THR A 98 20.50 37.91 12.96
N ILE A 99 19.36 37.70 13.62
CA ILE A 99 18.66 38.79 14.29
C ILE A 99 19.58 39.56 15.24
N PRO A 100 20.42 38.89 16.05
CA PRO A 100 21.19 39.64 17.05
C PRO A 100 22.06 40.74 16.49
N VAL A 101 22.62 40.56 15.29
CA VAL A 101 23.40 41.64 14.69
C VAL A 101 22.51 42.85 14.47
N TRP A 102 21.30 42.63 13.96
CA TRP A 102 20.37 43.74 13.77
C TRP A 102 20.03 44.42 15.08
N VAL A 103 19.79 43.63 16.13
CA VAL A 103 19.45 44.23 17.42
C VAL A 103 20.60 45.09 17.92
N VAL A 104 21.83 44.58 17.82
CA VAL A 104 22.99 45.33 18.30
C VAL A 104 23.15 46.62 17.50
N SER A 105 22.97 46.55 16.18
CA SER A 105 23.07 47.75 15.37
C SER A 105 22.00 48.77 15.76
N LEU A 106 20.77 48.29 15.99
CA LEU A 106 19.67 49.20 16.30
C LEU A 106 19.88 49.89 17.64
N VAL A 107 20.29 49.13 18.67
CA VAL A 107 20.43 49.74 19.98
C VAL A 107 21.52 50.81 19.97
N GLN A 108 22.52 50.66 19.12
CA GLN A 108 23.63 51.61 19.06
C GLN A 108 23.26 52.83 18.24
N HIS A 109 22.13 53.45 18.57
CA HIS A 109 21.69 54.70 17.94
C HIS A 109 21.94 54.68 16.44
N ASN A 110 21.59 53.55 15.81
CA ASN A 110 21.71 53.38 14.37
C ASN A 110 23.17 53.41 13.90
N GLN A 111 24.12 53.35 14.83
CA GLN A 111 25.53 53.28 14.45
C GLN A 111 25.88 51.87 14.00
N TRP A 112 27.03 51.74 13.35
CA TRP A 112 27.48 50.47 12.79
C TRP A 112 28.92 50.21 13.21
N PRO A 113 29.14 49.75 14.45
CA PRO A 113 30.51 49.53 14.92
C PRO A 113 31.29 48.53 14.09
N MET A 114 30.63 47.49 13.58
CA MET A 114 31.32 46.44 12.84
C MET A 114 31.72 46.94 11.45
N GLY A 115 32.61 46.20 10.81
CA GLY A 115 33.17 46.61 9.54
C GLY A 115 32.24 46.34 8.37
N GLU A 116 32.77 46.55 7.17
CA GLU A 116 31.98 46.31 5.97
C GLU A 116 31.76 44.83 5.72
N LEU A 117 32.69 43.97 6.14
CA LEU A 117 32.54 42.54 5.90
C LEU A 117 31.28 42.02 6.58
N THR A 118 31.06 42.42 7.84
CA THR A 118 29.83 42.02 8.53
C THR A 118 28.61 42.60 7.83
N CYS A 119 28.69 43.88 7.42
CA CYS A 119 27.60 44.46 6.64
C CYS A 119 27.18 43.52 5.52
N LYS A 120 28.12 43.21 4.63
CA LYS A 120 27.79 42.42 3.45
C LYS A 120 27.30 41.03 3.83
N VAL A 121 28.01 40.35 4.74
CA VAL A 121 27.66 38.98 5.07
C VAL A 121 26.26 38.90 5.65
N THR A 122 25.94 39.80 6.58
CA THR A 122 24.63 39.73 7.22
C THR A 122 23.54 40.16 6.27
N HIS A 123 23.74 41.26 5.54
CA HIS A 123 22.70 41.69 4.61
C HIS A 123 22.48 40.69 3.49
N LEU A 124 23.43 39.80 3.25
CA LEU A 124 23.21 38.73 2.28
C LEU A 124 22.51 37.52 2.89
N ILE A 125 22.98 37.07 4.06
CA ILE A 125 22.40 35.89 4.69
C ILE A 125 20.93 36.14 5.04
N PHE A 126 20.66 37.29 5.66
CA PHE A 126 19.29 37.59 6.05
C PHE A 126 18.36 37.59 4.86
N SER A 127 18.75 38.28 3.79
CA SER A 127 17.89 38.38 2.61
C SER A 127 17.67 37.02 1.98
N ILE A 128 18.73 36.24 1.82
CA ILE A 128 18.59 34.92 1.19
C ILE A 128 17.64 34.05 2.01
N ASN A 129 17.83 34.00 3.32
CA ASN A 129 16.99 33.14 4.14
C ASN A 129 15.54 33.60 4.14
N LEU A 130 15.31 34.92 4.21
CA LEU A 130 13.94 35.41 4.23
C LEU A 130 13.22 35.09 2.92
N PHE A 131 13.88 35.34 1.78
CA PHE A 131 13.25 35.02 0.50
C PHE A 131 13.03 33.52 0.36
N GLY A 132 13.98 32.70 0.83
CA GLY A 132 13.79 31.26 0.78
C GLY A 132 12.59 30.83 1.58
N SER A 133 12.42 31.38 2.79
CA SER A 133 11.28 31.02 3.61
C SER A 133 9.97 31.40 2.92
N ILE A 134 9.91 32.60 2.36
CA ILE A 134 8.67 33.03 1.71
C ILE A 134 8.36 32.12 0.51
N PHE A 135 9.37 31.83 -0.31
CA PHE A 135 9.14 31.00 -1.47
C PHE A 135 8.71 29.59 -1.08
N PHE A 136 9.25 29.06 0.02
CA PHE A 136 8.84 27.74 0.45
C PHE A 136 7.42 27.75 0.98
N LEU A 137 7.02 28.83 1.67
CA LEU A 137 5.63 28.95 2.06
C LEU A 137 4.72 28.96 0.84
N THR A 138 5.15 29.62 -0.23
CA THR A 138 4.35 29.60 -1.47
C THR A 138 4.26 28.20 -2.05
N CYS A 139 5.41 27.53 -2.23
CA CYS A 139 5.43 26.22 -2.88
C CYS A 139 4.70 25.18 -2.06
N MET A 140 4.69 25.34 -0.73
CA MET A 140 4.11 24.32 0.13
C MET A 140 2.60 24.21 -0.08
N SER A 141 1.92 25.35 -0.29
CA SER A 141 0.48 25.31 -0.49
C SER A 141 0.11 24.55 -1.76
N VAL A 142 0.81 24.86 -2.86
CA VAL A 142 0.52 24.15 -4.11
C VAL A 142 0.84 22.68 -3.98
N ASP A 143 1.93 22.33 -3.28
CA ASP A 143 2.22 20.93 -3.06
C ASP A 143 1.11 20.25 -2.27
N ARG A 144 0.63 20.92 -1.22
CA ARG A 144 -0.44 20.34 -0.41
C ARG A 144 -1.70 20.12 -1.23
N TYR A 145 -2.05 21.10 -2.05
CA TYR A 145 -3.24 20.92 -2.89
C TYR A 145 -3.06 19.78 -3.87
N LEU A 146 -1.90 19.71 -4.54
CA LEU A 146 -1.69 18.65 -5.50
C LEU A 146 -1.66 17.28 -4.82
N SER A 147 -1.28 17.24 -3.55
CA SER A 147 -1.19 15.95 -2.85
C SER A 147 -2.52 15.23 -2.84
N ILE A 148 -3.63 15.95 -2.88
CA ILE A 148 -4.94 15.32 -2.77
C ILE A 148 -5.56 14.97 -4.11
N THR A 149 -5.09 15.55 -5.21
CA THR A 149 -5.64 15.27 -6.53
C THR A 149 -4.64 14.61 -7.46
N TYR A 150 -3.48 15.23 -7.69
CA TYR A 150 -2.56 14.74 -8.71
C TYR A 150 -1.69 13.60 -8.19
N PHE A 151 -1.13 13.76 -6.99
CA PHE A 151 -0.20 12.79 -6.43
C PHE A 151 -0.89 11.66 -5.68
N THR A 152 -2.18 11.43 -5.93
CA THR A 152 -2.88 10.35 -5.22
C THR A 152 -2.39 8.98 -5.66
N ASN A 153 -1.89 8.85 -6.89
CA ASN A 153 -1.46 7.58 -7.45
C ASN A 153 -0.09 7.71 -8.10
N THR A 154 0.85 8.31 -7.39
CA THR A 154 2.21 8.46 -7.86
C THR A 154 3.16 7.75 -6.91
N PRO A 155 4.08 6.92 -7.40
CA PRO A 155 4.98 6.22 -6.48
C PRO A 155 5.82 7.21 -5.68
N SER A 156 6.14 6.82 -4.44
CA SER A 156 6.83 7.73 -3.54
C SER A 156 8.14 8.23 -4.13
N SER A 157 8.82 7.40 -4.92
CA SER A 157 10.12 7.81 -5.46
C SER A 157 9.98 9.02 -6.37
N ARG A 158 8.98 9.01 -7.26
CA ARG A 158 8.83 10.12 -8.20
C ARG A 158 8.51 11.42 -7.47
N LYS A 159 7.58 11.38 -6.51
CA LYS A 159 7.24 12.59 -5.79
C LYS A 159 8.42 13.07 -4.94
N LYS A 160 9.21 12.15 -4.38
CA LYS A 160 10.40 12.57 -3.65
C LYS A 160 11.39 13.28 -4.57
N MET A 161 11.61 12.75 -5.77
CA MET A 161 12.50 13.41 -6.71
C MET A 161 11.96 14.79 -7.06
N VAL A 162 10.65 14.90 -7.30
CA VAL A 162 10.07 16.20 -7.64
C VAL A 162 10.28 17.19 -6.51
N ARG A 163 10.08 16.75 -5.26
CA ARG A 163 10.26 17.64 -4.12
C ARG A 163 11.70 18.10 -4.01
N ARG A 164 12.66 17.20 -4.21
CA ARG A 164 14.05 17.60 -4.14
C ARG A 164 14.38 18.62 -5.22
N VAL A 165 13.90 18.39 -6.44
CA VAL A 165 14.15 19.33 -7.52
C VAL A 165 13.58 20.70 -7.18
N VAL A 166 12.34 20.74 -6.68
CA VAL A 166 11.71 22.01 -6.34
C VAL A 166 12.50 22.72 -5.25
N CYS A 167 12.96 21.97 -4.24
CA CYS A 167 13.72 22.60 -3.17
C CYS A 167 14.99 23.24 -3.69
N ILE A 168 15.74 22.52 -4.53
CA ILE A 168 16.97 23.09 -5.09
C ILE A 168 16.65 24.32 -5.91
N LEU A 169 15.60 24.25 -6.74
CA LEU A 169 15.25 25.40 -7.57
C LEU A 169 14.92 26.61 -6.71
N VAL A 170 14.16 26.42 -5.65
CA VAL A 170 13.77 27.54 -4.79
C VAL A 170 14.99 28.15 -4.13
N TRP A 171 15.90 27.32 -3.63
CA TRP A 171 17.10 27.87 -2.99
C TRP A 171 17.88 28.71 -3.99
N LEU A 172 18.09 28.17 -5.20
CA LEU A 172 18.85 28.92 -6.20
C LEU A 172 18.17 30.22 -6.56
N LEU A 173 16.85 30.19 -6.75
CA LEU A 173 16.12 31.41 -7.11
C LEU A 173 16.20 32.44 -6.01
N ALA A 174 16.07 32.02 -4.75
CA ALA A 174 16.15 32.98 -3.65
C ALA A 174 17.52 33.64 -3.61
N PHE A 175 18.58 32.85 -3.76
CA PHE A 175 19.92 33.42 -3.76
C PHE A 175 20.10 34.40 -4.92
N CYS A 176 19.61 34.03 -6.11
CA CYS A 176 19.76 34.90 -7.27
C CYS A 176 19.02 36.22 -7.08
N VAL A 177 17.81 36.16 -6.53
CA VAL A 177 17.04 37.39 -6.32
C VAL A 177 17.68 38.25 -5.24
N SER A 178 18.26 37.62 -4.21
CA SER A 178 18.82 38.39 -3.10
C SER A 178 20.16 39.03 -3.43
N LEU A 179 20.94 38.42 -4.32
CA LEU A 179 22.30 38.89 -4.56
C LEU A 179 22.40 40.39 -4.89
N PRO A 180 21.57 40.95 -5.77
CA PRO A 180 21.80 42.35 -6.17
C PRO A 180 21.80 43.32 -5.01
N ASP A 181 20.94 43.11 -4.01
CA ASP A 181 20.87 44.05 -2.90
C ASP A 181 22.21 44.18 -2.21
N THR A 182 22.85 43.07 -1.88
CA THR A 182 24.17 43.12 -1.27
C THR A 182 25.26 43.46 -2.28
N TYR A 183 24.96 43.36 -3.57
CA TYR A 183 25.98 43.65 -4.58
C TYR A 183 26.53 45.06 -4.43
N TYR A 184 25.71 45.99 -3.93
CA TYR A 184 26.08 47.40 -3.79
C TYR A 184 25.81 47.95 -2.39
N LEU A 185 26.28 47.24 -1.36
CA LEU A 185 26.08 47.67 0.02
C LEU A 185 27.43 48.02 0.64
N LYS A 186 27.54 49.23 1.18
CA LYS A 186 28.79 49.72 1.75
C LYS A 186 28.51 50.48 3.04
N THR A 187 29.57 50.73 3.80
CA THR A 187 29.49 51.42 5.08
C THR A 187 30.48 52.58 5.11
N VAL A 188 30.08 53.67 5.76
CA VAL A 188 30.93 54.84 5.87
C VAL A 188 30.35 55.79 6.92
N TYR A 197 27.65 54.58 9.27
CA TYR A 197 26.35 54.30 8.67
C TYR A 197 26.50 53.29 7.55
N CYS A 198 25.88 52.12 7.72
CA CYS A 198 25.94 51.04 6.75
C CYS A 198 24.64 51.04 5.94
N ARG A 199 24.76 51.22 4.63
CA ARG A 199 23.59 51.33 3.78
C ARG A 199 24.00 50.94 2.36
N SER A 200 23.16 51.29 1.39
CA SER A 200 23.41 50.97 -0.01
C SER A 200 23.66 52.26 -0.79
N PHE A 201 24.71 52.26 -1.60
CA PHE A 201 25.08 53.40 -2.44
C PHE A 201 24.90 52.99 -3.90
N TYR A 202 23.69 53.20 -4.42
CA TYR A 202 23.37 52.80 -5.77
C TYR A 202 24.02 53.74 -6.78
N PRO A 203 24.09 53.34 -8.05
CA PRO A 203 24.69 54.23 -9.07
C PRO A 203 23.98 55.57 -9.11
N GLU A 204 24.76 56.64 -9.30
CA GLU A 204 24.21 57.98 -9.25
C GLU A 204 23.38 58.30 -10.49
N HIS A 205 23.87 57.92 -11.67
CA HIS A 205 23.29 58.42 -12.91
C HIS A 205 21.79 58.17 -12.97
N SER A 206 21.32 57.06 -12.42
CA SER A 206 19.91 56.75 -12.36
C SER A 206 19.49 56.32 -10.96
N ILE A 207 20.16 56.87 -9.94
CA ILE A 207 20.00 56.35 -8.58
C ILE A 207 18.52 56.28 -8.22
N LYS A 208 17.78 57.36 -8.49
CA LYS A 208 16.36 57.39 -8.18
C LYS A 208 15.69 56.10 -8.61
N GLU A 209 15.77 55.78 -9.90
CA GLU A 209 15.09 54.59 -10.41
C GLU A 209 15.44 53.37 -9.58
N TRP A 210 16.74 53.16 -9.34
CA TRP A 210 17.16 51.96 -8.61
C TRP A 210 16.32 51.79 -7.35
N LEU A 211 16.18 52.86 -6.57
CA LEU A 211 15.40 52.75 -5.34
C LEU A 211 14.08 52.07 -5.66
N ILE A 212 13.25 52.74 -6.45
CA ILE A 212 11.92 52.17 -6.72
C ILE A 212 12.07 50.80 -7.35
N GLY A 213 13.05 50.66 -8.25
CA GLY A 213 13.33 49.36 -8.84
C GLY A 213 13.31 48.29 -7.78
N MET A 214 14.25 48.37 -6.83
CA MET A 214 14.33 47.33 -5.81
C MET A 214 12.99 47.16 -5.12
N GLU A 215 12.37 48.28 -4.72
CA GLU A 215 11.12 48.19 -3.99
C GLU A 215 10.13 47.33 -4.76
N LEU A 216 10.01 47.56 -6.06
CA LEU A 216 9.03 46.82 -6.85
C LEU A 216 9.22 45.32 -6.65
N VAL A 217 10.46 44.84 -6.77
CA VAL A 217 10.71 43.43 -6.61
C VAL A 217 10.19 42.95 -5.26
N SER A 218 10.56 43.67 -4.19
CA SER A 218 10.18 43.23 -2.86
C SER A 218 8.68 43.14 -2.69
N VAL A 219 7.91 43.84 -3.53
CA VAL A 219 6.45 43.77 -3.45
C VAL A 219 5.86 42.90 -4.56
N VAL A 220 6.59 42.68 -5.66
CA VAL A 220 6.07 41.89 -6.76
C VAL A 220 6.39 40.41 -6.58
N LEU A 221 7.66 40.08 -6.37
CA LEU A 221 8.09 38.71 -6.16
C LEU A 221 8.22 38.34 -4.69
N GLY A 222 7.93 39.27 -3.79
CA GLY A 222 8.12 39.03 -2.37
C GLY A 222 6.84 38.78 -1.61
N PHE A 223 5.80 39.55 -1.88
CA PHE A 223 4.55 39.44 -1.14
C PHE A 223 3.33 39.27 -2.03
N ALA A 224 3.29 39.94 -3.18
CA ALA A 224 2.11 39.87 -4.03
C ALA A 224 1.87 38.45 -4.53
N VAL A 225 2.81 37.91 -5.31
CA VAL A 225 2.62 36.60 -5.92
C VAL A 225 2.49 35.52 -4.85
N PRO A 226 3.33 35.47 -3.82
CA PRO A 226 3.14 34.45 -2.78
C PRO A 226 1.74 34.46 -2.17
N PHE A 227 1.24 35.65 -1.79
CA PHE A 227 -0.11 35.70 -1.24
C PHE A 227 -1.15 35.26 -2.25
N SER A 228 -1.05 35.73 -3.49
CA SER A 228 -2.02 35.33 -4.49
C SER A 228 -2.08 33.81 -4.62
N ILE A 229 -0.92 33.18 -4.79
CA ILE A 229 -0.88 31.73 -5.00
C ILE A 229 -1.39 30.99 -3.77
N ILE A 230 -0.92 31.38 -2.59
CA ILE A 230 -1.28 30.65 -1.38
C ILE A 230 -2.78 30.77 -1.12
N ALA A 231 -3.33 31.97 -1.25
CA ALA A 231 -4.76 32.14 -1.02
C ALA A 231 -5.57 31.34 -2.03
N VAL A 232 -5.21 31.43 -3.32
CA VAL A 232 -5.97 30.72 -4.34
C VAL A 232 -5.95 29.22 -4.07
N PHE A 233 -4.77 28.67 -3.80
CA PHE A 233 -4.68 27.21 -3.68
C PHE A 233 -5.25 26.71 -2.37
N TYR A 234 -5.16 27.46 -1.29
CA TYR A 234 -5.86 27.05 -0.08
C TYR A 234 -7.37 27.15 -0.20
N PHE A 235 -7.89 28.14 -0.93
CA PHE A 235 -9.32 28.15 -1.21
C PHE A 235 -9.72 26.93 -2.03
N LEU A 236 -8.93 26.59 -3.04
CA LEU A 236 -9.24 25.40 -3.84
C LEU A 236 -9.19 24.14 -2.99
N LEU A 237 -8.21 24.05 -2.09
CA LEU A 237 -8.13 22.89 -1.22
C LEU A 237 -9.32 22.80 -0.29
N ALA A 238 -9.76 23.95 0.24
CA ALA A 238 -10.95 23.96 1.08
C ALA A 238 -12.16 23.48 0.31
N ARG A 239 -12.32 23.94 -0.94
CA ARG A 239 -13.43 23.49 -1.75
C ARG A 239 -13.35 21.98 -2.00
N ALA A 240 -12.15 21.48 -2.29
CA ALA A 240 -12.00 20.05 -2.54
C ALA A 240 -12.34 19.22 -1.31
N ILE A 241 -11.92 19.68 -0.13
CA ILE A 241 -12.31 18.98 1.09
C ILE A 241 -13.82 19.05 1.29
N SER A 242 -14.42 20.20 0.98
CA SER A 242 -15.87 20.33 1.10
C SER A 242 -16.59 19.31 0.22
N ALA A 243 -16.06 19.09 -0.99
CA ALA A 243 -16.70 18.15 -1.90
C ALA A 243 -16.74 16.75 -1.30
N SER A 244 -15.64 16.31 -0.69
CA SER A 244 -15.61 15.00 -0.05
C SER A 244 -16.32 15.06 1.31
N SER A 245 -16.61 13.88 1.84
CA SER A 245 -17.29 13.74 3.12
C SER A 245 -16.41 13.16 4.21
N ASP A 246 -15.62 12.13 3.89
CA ASP A 246 -14.77 11.51 4.90
C ASP A 246 -13.76 12.51 5.44
N GLN A 247 -13.14 13.29 4.56
CA GLN A 247 -12.09 14.21 5.00
C GLN A 247 -12.61 15.27 5.96
N GLU A 248 -13.91 15.56 5.93
CA GLU A 248 -14.44 16.62 6.80
C GLU A 248 -14.24 16.28 8.26
N LYS A 249 -14.56 15.05 8.65
CA LYS A 249 -14.51 14.69 10.06
C LYS A 249 -13.08 14.78 10.60
N HIS A 250 -12.10 14.30 9.84
CA HIS A 250 -10.74 14.24 10.34
C HIS A 250 -10.09 15.62 10.38
N SER A 251 -10.27 16.41 9.32
CA SER A 251 -9.64 17.71 9.20
C SER A 251 -10.56 18.83 9.67
N SER A 252 -9.99 20.03 9.79
CA SER A 252 -10.73 21.20 10.25
C SER A 252 -10.52 22.34 9.26
N ARG A 253 -11.60 23.08 8.99
CA ARG A 253 -11.56 24.17 8.03
C ARG A 253 -11.12 25.49 8.65
N LYS A 254 -10.96 25.56 9.96
CA LYS A 254 -10.55 26.79 10.62
C LYS A 254 -9.04 26.89 10.76
N ILE A 255 -8.29 25.93 10.23
CA ILE A 255 -6.83 26.02 10.20
C ILE A 255 -6.33 26.61 8.90
N ILE A 256 -6.98 26.28 7.79
CA ILE A 256 -6.57 26.83 6.50
C ILE A 256 -6.78 28.34 6.48
N PHE A 257 -7.89 28.80 7.06
CA PHE A 257 -8.13 30.24 7.12
C PHE A 257 -7.01 30.94 7.90
N SER A 258 -6.58 30.34 9.01
CA SER A 258 -5.46 30.91 9.75
C SER A 258 -4.18 30.88 8.91
N TYR A 259 -3.94 29.78 8.20
CA TYR A 259 -2.77 29.70 7.32
C TYR A 259 -2.73 30.90 6.39
N VAL A 260 -3.87 31.21 5.77
CA VAL A 260 -3.89 32.26 4.76
C VAL A 260 -4.01 33.66 5.35
N VAL A 261 -4.40 33.78 6.61
CA VAL A 261 -4.55 35.11 7.22
C VAL A 261 -3.29 35.55 7.96
N VAL A 262 -2.53 34.62 8.53
CA VAL A 262 -1.32 35.00 9.25
C VAL A 262 -0.31 35.65 8.31
N PHE A 263 -0.27 35.20 7.05
CA PHE A 263 0.64 35.82 6.10
C PHE A 263 0.36 37.32 5.97
N LEU A 264 -0.90 37.69 5.82
CA LEU A 264 -1.24 39.10 5.78
C LEU A 264 -0.88 39.79 7.09
N VAL A 265 -1.35 39.23 8.21
CA VAL A 265 -1.10 39.87 9.50
C VAL A 265 0.38 40.13 9.70
N CYS A 266 1.23 39.32 9.08
CA CYS A 266 2.68 39.46 9.24
C CYS A 266 3.28 40.46 8.26
N TRP A 267 2.93 40.37 6.98
CA TRP A 267 3.69 41.06 5.94
C TRP A 267 2.95 42.22 5.28
N LEU A 268 1.71 42.52 5.67
CA LEU A 268 1.04 43.65 5.02
C LEU A 268 1.47 44.98 5.63
N PRO A 269 1.46 45.13 6.95
CA PRO A 269 1.89 46.42 7.53
C PRO A 269 3.29 46.82 7.10
N TYR A 270 4.22 45.88 7.06
CA TYR A 270 5.59 46.23 6.70
C TYR A 270 5.65 46.78 5.29
N HIS A 271 5.00 46.10 4.35
CA HIS A 271 5.07 46.54 2.96
C HIS A 271 4.36 47.87 2.75
N VAL A 272 3.21 48.08 3.39
CA VAL A 272 2.53 49.36 3.24
C VAL A 272 3.38 50.48 3.83
N ALA A 273 4.02 50.22 4.98
CA ALA A 273 4.89 51.24 5.56
C ALA A 273 6.06 51.55 4.62
N VAL A 274 6.65 50.53 4.01
CA VAL A 274 7.78 50.76 3.12
C VAL A 274 7.33 51.56 1.90
N LEU A 275 6.18 51.23 1.34
CA LEU A 275 5.68 52.00 0.20
C LEU A 275 5.43 53.45 0.59
N LEU A 276 4.88 53.69 1.77
CA LEU A 276 4.69 55.06 2.22
C LEU A 276 6.03 55.78 2.32
N ASP A 277 7.04 55.12 2.87
CA ASP A 277 8.35 55.73 2.98
C ASP A 277 8.90 56.09 1.60
N ILE A 278 8.79 55.16 0.64
CA ILE A 278 9.31 55.41 -0.69
C ILE A 278 8.59 56.58 -1.34
N PHE A 279 7.26 56.63 -1.22
CA PHE A 279 6.53 57.76 -1.77
C PHE A 279 6.97 59.06 -1.12
N SER A 280 7.22 59.04 0.19
CA SER A 280 7.73 60.24 0.86
C SER A 280 9.07 60.67 0.28
N ILE A 281 9.96 59.69 0.03
CA ILE A 281 11.26 60.00 -0.54
C ILE A 281 11.13 60.61 -1.92
N LEU A 282 10.00 60.38 -2.60
CA LEU A 282 9.76 60.94 -3.91
C LEU A 282 9.14 62.34 -3.85
N HIS A 283 8.93 62.88 -2.66
CA HIS A 283 8.39 64.22 -2.42
C HIS A 283 6.95 64.36 -2.85
N TYR A 284 6.24 63.25 -3.10
CA TYR A 284 4.81 63.35 -3.39
C TYR A 284 4.05 63.92 -2.20
N ILE A 285 4.41 63.49 -1.00
CA ILE A 285 3.77 63.95 0.23
C ILE A 285 4.55 65.15 0.75
N PRO A 286 3.91 66.16 1.34
CA PRO A 286 4.66 67.30 1.86
C PRO A 286 5.62 66.88 2.96
N PHE A 287 6.72 67.63 3.08
CA PHE A 287 7.78 67.35 4.03
C PHE A 287 7.46 68.03 5.36
N THR A 288 7.24 67.23 6.40
CA THR A 288 6.89 67.74 7.72
C THR A 288 7.56 66.91 8.80
N CYS A 289 7.83 67.54 9.94
CA CYS A 289 8.41 66.83 11.06
C CYS A 289 7.48 65.73 11.58
N ARG A 290 6.20 66.05 11.69
CA ARG A 290 5.24 65.04 12.15
C ARG A 290 5.23 63.84 11.22
N LEU A 291 5.21 64.08 9.90
CA LEU A 291 5.15 62.97 8.95
C LEU A 291 6.40 62.10 9.05
N GLU A 292 7.58 62.71 9.09
CA GLU A 292 8.81 61.92 9.15
C GLU A 292 8.88 61.12 10.44
N HIS A 293 8.49 61.71 11.56
CA HIS A 293 8.47 60.97 12.82
CA HIS A 293 8.47 60.97 12.82
C HIS A 293 7.49 59.81 12.75
N ALA A 294 6.29 60.05 12.21
CA ALA A 294 5.30 58.99 12.12
C ALA A 294 5.81 57.86 11.24
N LEU A 295 6.44 58.20 10.13
CA LEU A 295 6.99 57.17 9.24
C LEU A 295 8.08 56.37 9.95
N PHE A 296 8.96 57.05 10.68
CA PHE A 296 10.02 56.34 11.39
C PHE A 296 9.43 55.36 12.39
N THR A 297 8.49 55.83 13.22
CA THR A 297 7.89 54.97 14.22
C THR A 297 7.18 53.79 13.56
N ALA A 298 6.43 54.05 12.49
CA ALA A 298 5.70 52.98 11.81
C ALA A 298 6.66 51.96 11.24
N LEU A 299 7.74 52.41 10.59
CA LEU A 299 8.70 51.49 10.01
C LEU A 299 9.33 50.61 11.08
N HIS A 300 9.74 51.22 12.19
CA HIS A 300 10.41 50.43 13.22
C HIS A 300 9.46 49.41 13.84
N VAL A 301 8.25 49.85 14.20
CA VAL A 301 7.32 48.92 14.86
C VAL A 301 6.92 47.81 13.90
N THR A 302 6.66 48.13 12.63
CA THR A 302 6.25 47.09 11.70
C THR A 302 7.40 46.16 11.35
N GLN A 303 8.62 46.65 11.30
CA GLN A 303 9.76 45.76 11.13
C GLN A 303 9.86 44.79 12.30
N CYS A 304 9.67 45.29 13.52
CA CYS A 304 9.68 44.41 14.68
C CYS A 304 8.58 43.36 14.59
N LEU A 305 7.40 43.77 14.14
CA LEU A 305 6.29 42.82 14.00
C LEU A 305 6.57 41.78 12.91
N SER A 306 7.28 42.18 11.86
CA SER A 306 7.46 41.29 10.71
C SER A 306 8.17 40.00 11.10
N LEU A 307 9.21 40.09 11.92
CA LEU A 307 9.99 38.90 12.26
C LEU A 307 9.21 37.91 13.08
N VAL A 308 8.03 38.27 13.60
CA VAL A 308 7.15 37.28 14.18
C VAL A 308 6.85 36.18 13.17
N HIS A 309 6.95 36.50 11.88
CA HIS A 309 6.78 35.50 10.83
C HIS A 309 7.76 34.35 10.98
N CYS A 310 8.93 34.59 11.58
CA CYS A 310 9.92 33.53 11.69
C CYS A 310 9.53 32.51 12.75
N CYS A 311 9.04 32.98 13.90
CA CYS A 311 8.76 32.09 15.02
C CYS A 311 7.33 31.55 15.01
N VAL A 312 6.49 31.95 14.06
CA VAL A 312 5.11 31.49 14.00
C VAL A 312 4.93 30.37 13.00
N ASN A 313 5.98 29.96 12.31
CA ASN A 313 5.87 28.87 11.33
C ASN A 313 5.85 27.52 12.02
N PRO A 314 6.78 27.25 12.94
CA PRO A 314 6.72 25.96 13.65
C PRO A 314 5.41 25.75 14.40
N VAL A 315 4.87 26.81 15.02
CA VAL A 315 3.66 26.66 15.80
C VAL A 315 2.44 26.46 14.92
N LEU A 316 2.51 26.85 13.65
CA LEU A 316 1.36 26.83 12.77
C LEU A 316 1.37 25.70 11.76
N TYR A 317 2.54 25.17 11.40
CA TYR A 317 2.64 24.16 10.35
C TYR A 317 2.98 22.77 10.86
N SER A 318 3.55 22.65 12.05
CA SER A 318 3.93 21.33 12.56
C SER A 318 3.42 21.07 13.97
N PHE A 319 3.41 22.07 14.85
CA PHE A 319 3.01 21.83 16.24
C PHE A 319 1.57 21.36 16.34
N ILE A 320 0.67 21.99 15.58
CA ILE A 320 -0.74 21.61 15.64
C ILE A 320 -1.02 20.24 15.05
N ASN A 321 -0.03 19.64 14.36
CA ASN A 321 -0.22 18.34 13.75
C ASN A 321 -0.20 17.25 14.81
N ARG A 322 -1.25 16.42 14.84
CA ARG A 322 -1.35 15.40 15.86
C ARG A 322 -0.21 14.40 15.77
N ASN A 323 0.13 13.97 14.56
CA ASN A 323 1.22 13.00 14.39
C ASN A 323 2.54 13.57 14.89
N TYR A 324 2.82 14.82 14.56
CA TYR A 324 4.06 15.44 15.02
C TYR A 324 4.08 15.53 16.54
N ARG A 325 2.94 15.90 17.15
CA ARG A 325 2.90 16.00 18.60
C ARG A 325 3.14 14.64 19.25
N TYR A 326 2.50 13.59 18.73
CA TYR A 326 2.71 12.27 19.29
C TYR A 326 4.15 11.83 19.14
N GLU A 327 4.76 12.08 17.98
CA GLU A 327 6.15 11.71 17.78
C GLU A 327 7.05 12.46 18.75
N LEU A 328 6.80 13.76 18.93
CA LEU A 328 7.61 14.53 19.86
C LEU A 328 7.48 14.01 21.28
N MET A 329 6.26 13.70 21.71
CA MET A 329 6.07 13.15 23.04
C MET A 329 6.81 11.83 23.18
N LYS A 330 6.78 10.99 22.14
CA LYS A 330 7.53 9.75 22.18
C LYS A 330 9.01 10.00 22.34
N ALA A 331 9.54 10.98 21.61
CA ALA A 331 10.95 11.33 21.69
C ALA A 331 11.23 12.14 22.95
N VAL B 5 -16.80 2.65 4.17
CA VAL B 5 -16.17 2.09 2.98
C VAL B 5 -16.75 0.71 2.71
N GLN B 6 -17.46 0.57 1.60
CA GLN B 6 -18.18 -0.65 1.25
C GLN B 6 -17.95 -1.00 -0.22
N LEU B 7 -16.69 -1.04 -0.64
CA LEU B 7 -16.38 -1.39 -2.02
C LEU B 7 -17.00 -2.73 -2.39
N VAL B 8 -17.59 -2.79 -3.58
CA VAL B 8 -18.20 -4.01 -4.10
C VAL B 8 -17.86 -4.15 -5.57
N GLU B 9 -17.44 -5.34 -5.98
CA GLU B 9 -17.17 -5.63 -7.38
C GLU B 9 -18.44 -6.13 -8.07
N SER B 10 -18.29 -6.50 -9.34
CA SER B 10 -19.40 -7.01 -10.14
C SER B 10 -18.82 -7.68 -11.37
N GLY B 11 -19.68 -8.03 -12.32
CA GLY B 11 -19.22 -8.64 -13.54
C GLY B 11 -18.65 -10.04 -13.29
N GLY B 12 -17.85 -10.49 -14.24
CA GLY B 12 -17.21 -11.78 -14.14
C GLY B 12 -18.09 -12.91 -14.64
N GLY B 13 -17.44 -13.98 -15.07
CA GLY B 13 -18.14 -15.13 -15.62
C GLY B 13 -17.33 -15.74 -16.74
N LEU B 14 -17.77 -16.93 -17.15
CA LEU B 14 -17.05 -17.66 -18.18
C LEU B 14 -16.97 -16.83 -19.45
N VAL B 15 -15.79 -16.79 -20.06
CA VAL B 15 -15.56 -16.02 -21.27
C VAL B 15 -14.71 -16.86 -22.22
N GLN B 16 -15.10 -16.90 -23.48
CA GLN B 16 -14.30 -17.61 -24.48
C GLN B 16 -12.93 -16.96 -24.59
N PRO B 17 -11.86 -17.72 -24.81
CA PRO B 17 -10.53 -17.10 -24.95
C PRO B 17 -10.52 -16.09 -26.08
N GLY B 18 -9.82 -14.98 -25.86
CA GLY B 18 -9.78 -13.90 -26.81
C GLY B 18 -10.93 -12.93 -26.74
N GLY B 19 -11.91 -13.17 -25.87
CA GLY B 19 -13.04 -12.27 -25.71
C GLY B 19 -12.66 -10.99 -24.99
N SER B 20 -13.63 -10.41 -24.31
CA SER B 20 -13.41 -9.17 -23.57
C SER B 20 -14.41 -9.10 -22.42
N LEU B 21 -14.08 -8.25 -21.44
CA LEU B 21 -14.93 -8.10 -20.27
C LEU B 21 -14.69 -6.73 -19.66
N ARG B 22 -15.62 -6.31 -18.80
CA ARG B 22 -15.53 -5.02 -18.12
C ARG B 22 -16.01 -5.22 -16.68
N LEU B 23 -15.05 -5.23 -15.75
CA LEU B 23 -15.36 -5.34 -14.34
C LEU B 23 -15.55 -3.95 -13.75
N SER B 24 -16.49 -3.82 -12.82
CA SER B 24 -16.81 -2.53 -12.22
C SER B 24 -16.75 -2.64 -10.71
N CYS B 25 -15.97 -1.76 -10.09
CA CYS B 25 -15.89 -1.64 -8.64
C CYS B 25 -16.57 -0.34 -8.26
N ALA B 26 -17.73 -0.44 -7.62
CA ALA B 26 -18.53 0.72 -7.26
C ALA B 26 -18.39 0.96 -5.76
N ALA B 27 -17.75 2.06 -5.39
CA ALA B 27 -17.49 2.36 -3.98
C ALA B 27 -18.73 2.99 -3.35
N SER B 28 -18.59 3.34 -2.07
CA SER B 28 -19.65 4.03 -1.34
C SER B 28 -19.10 4.41 0.03
N GLY B 29 -19.76 5.39 0.65
CA GLY B 29 -19.33 5.88 1.94
C GLY B 29 -18.18 6.86 1.91
N PHE B 30 -17.74 7.28 0.73
CA PHE B 30 -16.67 8.26 0.59
C PHE B 30 -16.61 8.70 -0.86
N ASN B 31 -15.88 9.79 -1.11
CA ASN B 31 -15.67 10.27 -2.46
C ASN B 31 -14.45 9.57 -3.06
N ILE B 32 -14.66 8.96 -4.24
CA ILE B 32 -13.60 8.18 -4.86
C ILE B 32 -12.42 9.07 -5.23
N SER B 33 -12.68 10.35 -5.51
CA SER B 33 -11.66 11.23 -6.10
C SER B 33 -10.52 11.55 -5.14
N SER B 34 -10.64 11.24 -3.85
CA SER B 34 -9.61 11.55 -2.88
C SER B 34 -8.81 10.32 -2.46
N SER B 35 -8.68 9.34 -3.35
CA SER B 35 -7.93 8.12 -3.05
C SER B 35 -7.81 7.31 -4.34
N SER B 36 -6.71 6.59 -4.46
CA SER B 36 -6.45 5.81 -5.65
C SER B 36 -7.05 4.41 -5.53
N ILE B 37 -7.48 3.86 -6.66
CA ILE B 37 -8.15 2.57 -6.71
C ILE B 37 -7.25 1.61 -7.48
N HIS B 38 -6.90 0.49 -6.85
CA HIS B 38 -6.05 -0.53 -7.46
C HIS B 38 -6.86 -1.79 -7.68
N TRP B 39 -6.39 -2.62 -8.62
CA TRP B 39 -6.99 -3.91 -8.90
C TRP B 39 -5.95 -4.99 -8.65
N VAL B 40 -6.30 -5.96 -7.80
CA VAL B 40 -5.40 -7.06 -7.44
C VAL B 40 -5.99 -8.35 -7.97
N ARG B 41 -5.12 -9.27 -8.37
CA ARG B 41 -5.53 -10.52 -9.00
C ARG B 41 -4.87 -11.69 -8.27
N GLN B 42 -5.65 -12.76 -8.07
CA GLN B 42 -5.15 -13.97 -7.43
C GLN B 42 -5.47 -15.16 -8.31
N ALA B 43 -4.43 -15.81 -8.83
CA ALA B 43 -4.62 -17.01 -9.62
C ALA B 43 -5.10 -18.15 -8.71
N PRO B 44 -5.72 -19.18 -9.28
CA PRO B 44 -6.23 -20.28 -8.44
C PRO B 44 -5.11 -20.99 -7.71
N GLY B 45 -5.14 -20.90 -6.38
CA GLY B 45 -4.13 -21.55 -5.56
C GLY B 45 -2.73 -20.99 -5.76
N LYS B 46 -2.60 -19.67 -5.77
CA LYS B 46 -1.30 -19.03 -5.92
C LYS B 46 -1.33 -17.69 -5.21
N GLY B 47 -0.20 -16.99 -5.24
CA GLY B 47 -0.08 -15.72 -4.55
C GLY B 47 -0.75 -14.59 -5.31
N LEU B 48 -0.87 -13.46 -4.62
CA LEU B 48 -1.53 -12.30 -5.21
C LEU B 48 -0.63 -11.65 -6.26
N GLU B 49 -1.24 -10.82 -7.09
CA GLU B 49 -0.51 -10.06 -8.09
C GLU B 49 -1.23 -8.74 -8.34
N TRP B 50 -0.48 -7.75 -8.79
CA TRP B 50 -1.00 -6.43 -9.07
C TRP B 50 -1.31 -6.28 -10.56
N VAL B 51 -2.33 -5.47 -10.86
CA VAL B 51 -2.82 -5.35 -12.23
C VAL B 51 -2.76 -3.91 -12.72
N ALA B 52 -3.51 -3.01 -12.08
CA ALA B 52 -3.56 -1.62 -12.52
C ALA B 52 -4.03 -0.75 -11.37
N SER B 53 -3.84 0.56 -11.53
CA SER B 53 -4.26 1.52 -10.53
C SER B 53 -4.64 2.82 -11.21
N ILE B 54 -5.57 3.55 -10.61
CA ILE B 54 -6.12 4.76 -11.20
C ILE B 54 -6.34 5.80 -10.11
N SER B 55 -6.06 7.07 -10.45
CA SER B 55 -6.43 8.20 -9.62
C SER B 55 -7.60 8.92 -10.27
N PRO B 56 -8.80 8.88 -9.67
CA PRO B 56 -9.98 9.39 -10.40
C PRO B 56 -9.91 10.87 -10.73
N SER B 57 -9.13 11.66 -10.00
CA SER B 57 -9.16 13.11 -10.17
C SER B 57 -8.68 13.52 -11.55
N TYR B 58 -7.42 13.22 -11.86
CA TYR B 58 -6.83 13.57 -13.15
C TYR B 58 -6.45 12.36 -13.98
N GLY B 59 -6.72 11.15 -13.48
CA GLY B 59 -6.52 9.94 -14.26
C GLY B 59 -5.08 9.67 -14.65
N TYR B 60 -4.23 9.42 -13.65
CA TYR B 60 -2.85 8.99 -13.89
C TYR B 60 -2.79 7.49 -13.59
N THR B 61 -2.89 6.68 -14.64
CA THR B 61 -3.01 5.23 -14.49
C THR B 61 -1.68 4.56 -14.79
N SER B 62 -1.31 3.60 -13.94
CA SER B 62 -0.11 2.79 -14.12
C SER B 62 -0.50 1.33 -14.12
N TYR B 63 -0.01 0.56 -15.09
CA TYR B 63 -0.38 -0.83 -15.27
C TYR B 63 0.80 -1.74 -14.98
N ALA B 64 0.50 -3.03 -14.81
CA ALA B 64 1.51 -4.05 -14.60
C ALA B 64 2.03 -4.57 -15.94
N ASP B 65 3.19 -5.23 -15.88
CA ASP B 65 3.84 -5.67 -17.10
C ASP B 65 2.98 -6.68 -17.87
N SER B 66 2.41 -7.65 -17.17
CA SER B 66 1.64 -8.70 -17.84
C SER B 66 0.36 -8.19 -18.46
N VAL B 67 -0.08 -6.98 -18.13
CA VAL B 67 -1.31 -6.42 -18.66
C VAL B 67 -1.07 -5.11 -19.41
N LYS B 68 0.19 -4.75 -19.64
CA LYS B 68 0.48 -3.51 -20.34
C LYS B 68 -0.06 -3.57 -21.76
N GLY B 69 -0.81 -2.54 -22.15
CA GLY B 69 -1.35 -2.45 -23.48
C GLY B 69 -2.59 -3.26 -23.74
N ARG B 70 -3.11 -3.97 -22.75
CA ARG B 70 -4.30 -4.79 -22.89
C ARG B 70 -5.43 -4.36 -21.97
N PHE B 71 -5.12 -3.92 -20.76
CA PHE B 71 -6.12 -3.58 -19.76
C PHE B 71 -6.22 -2.06 -19.63
N THR B 72 -7.44 -1.55 -19.69
CA THR B 72 -7.69 -0.11 -19.58
C THR B 72 -8.52 0.15 -18.34
N ILE B 73 -8.03 1.03 -17.46
CA ILE B 73 -8.69 1.36 -16.21
C ILE B 73 -9.18 2.80 -16.30
N SER B 74 -10.47 3.00 -16.04
CA SER B 74 -11.11 4.31 -16.10
C SER B 74 -11.90 4.54 -14.83
N ALA B 75 -12.25 5.80 -14.58
CA ALA B 75 -12.97 6.18 -13.38
C ALA B 75 -14.12 7.11 -13.71
N ASP B 76 -15.20 6.99 -12.94
CA ASP B 76 -16.37 7.86 -13.05
C ASP B 76 -16.68 8.38 -11.66
N THR B 77 -16.42 9.67 -11.43
CA THR B 77 -16.68 10.28 -10.13
C THR B 77 -18.16 10.63 -9.94
N SER B 78 -18.92 10.73 -11.02
CA SER B 78 -20.34 11.03 -10.89
C SER B 78 -21.11 9.90 -10.22
N LYS B 79 -20.51 8.72 -10.12
CA LYS B 79 -21.14 7.58 -9.47
C LYS B 79 -20.23 6.87 -8.48
N ASN B 80 -19.02 7.38 -8.25
CA ASN B 80 -18.04 6.71 -7.39
C ASN B 80 -17.77 5.29 -7.89
N THR B 81 -17.28 5.19 -9.12
CA THR B 81 -17.06 3.88 -9.72
C THR B 81 -15.75 3.85 -10.48
N ALA B 82 -15.18 2.66 -10.58
CA ALA B 82 -14.00 2.41 -11.41
C ALA B 82 -14.29 1.21 -12.29
N TYR B 83 -13.73 1.22 -13.49
CA TYR B 83 -13.98 0.17 -14.46
C TYR B 83 -12.67 -0.31 -15.06
N LEU B 84 -12.47 -1.62 -15.04
CA LEU B 84 -11.32 -2.27 -15.68
C LEU B 84 -11.84 -3.05 -16.87
N GLN B 85 -11.43 -2.65 -18.07
CA GLN B 85 -11.79 -3.32 -19.30
C GLN B 85 -10.61 -4.15 -19.80
N MET B 86 -10.85 -5.43 -20.05
CA MET B 86 -9.82 -6.36 -20.47
C MET B 86 -10.22 -6.98 -21.81
N ASN B 87 -9.23 -7.15 -22.68
CA ASN B 87 -9.45 -7.71 -24.00
C ASN B 87 -8.29 -8.63 -24.36
N SER B 88 -8.54 -9.53 -25.31
CA SER B 88 -7.53 -10.49 -25.74
C SER B 88 -7.06 -11.36 -24.58
N LEU B 89 -7.99 -11.71 -23.69
CA LEU B 89 -7.64 -12.51 -22.53
C LEU B 89 -7.05 -13.84 -22.96
N ARG B 90 -6.01 -14.26 -22.26
CA ARG B 90 -5.36 -15.53 -22.51
C ARG B 90 -5.81 -16.56 -21.48
N ALA B 91 -5.35 -17.80 -21.67
CA ALA B 91 -5.71 -18.86 -20.73
C ALA B 91 -5.12 -18.63 -19.34
N GLU B 92 -4.10 -17.78 -19.23
CA GLU B 92 -3.42 -17.56 -17.96
C GLU B 92 -4.10 -16.50 -17.10
N ASP B 93 -5.18 -15.88 -17.57
CA ASP B 93 -5.86 -14.85 -16.79
C ASP B 93 -6.91 -15.41 -15.84
N THR B 94 -7.16 -16.71 -15.86
CA THR B 94 -8.09 -17.30 -14.90
C THR B 94 -7.67 -16.92 -13.49
N ALA B 95 -8.51 -16.19 -12.79
CA ALA B 95 -8.14 -15.71 -11.46
C ALA B 95 -9.36 -15.07 -10.81
N VAL B 96 -9.14 -14.51 -9.62
CA VAL B 96 -10.15 -13.77 -8.87
C VAL B 96 -9.64 -12.36 -8.68
N TYR B 97 -10.48 -11.37 -8.96
CA TYR B 97 -10.09 -9.97 -8.95
C TYR B 97 -10.75 -9.24 -7.79
N TYR B 98 -9.94 -8.50 -7.02
CA TYR B 98 -10.41 -7.61 -5.97
C TYR B 98 -10.06 -6.17 -6.34
N CYS B 99 -10.85 -5.23 -5.84
CA CYS B 99 -10.53 -3.81 -5.98
C CYS B 99 -10.22 -3.25 -4.59
N ALA B 100 -9.10 -2.55 -4.49
CA ALA B 100 -8.60 -2.05 -3.22
C ALA B 100 -8.45 -0.53 -3.28
N ARG B 101 -8.52 0.09 -2.11
CA ARG B 101 -8.41 1.53 -1.98
C ARG B 101 -7.12 1.87 -1.24
N VAL B 102 -6.30 2.74 -1.82
CA VAL B 102 -5.08 3.20 -1.15
C VAL B 102 -5.46 4.48 -0.41
N SER B 103 -5.89 4.34 0.83
CA SER B 103 -6.42 5.46 1.58
C SER B 103 -5.37 6.57 1.70
N TYR B 104 -5.82 7.81 1.52
CA TYR B 104 -5.00 8.99 1.73
C TYR B 104 -5.67 9.90 2.73
N TRP B 105 -4.88 10.47 3.64
CA TRP B 105 -5.39 11.35 4.68
C TRP B 105 -4.70 12.71 4.55
N ASP B 106 -5.50 13.78 4.62
CA ASP B 106 -4.96 15.13 4.51
C ASP B 106 -4.57 15.70 5.86
N TRP B 107 -5.29 15.37 6.92
CA TRP B 107 -4.99 15.92 8.24
C TRP B 107 -3.60 15.56 8.74
N THR B 108 -2.83 14.75 8.01
CA THR B 108 -1.44 14.48 8.33
C THR B 108 -0.57 14.72 7.11
N TRP B 109 -0.82 15.81 6.38
CA TRP B 109 -0.05 16.07 5.17
C TRP B 109 1.42 16.26 5.49
N GLY B 110 1.73 17.02 6.54
CA GLY B 110 3.11 17.33 6.83
C GLY B 110 3.92 16.10 7.21
N TRP B 111 3.38 15.25 8.08
CA TRP B 111 4.09 14.11 8.64
C TRP B 111 3.22 12.88 8.41
N SER B 112 3.36 12.26 7.24
CA SER B 112 2.52 11.16 6.82
C SER B 112 3.31 9.86 6.89
N LYS B 113 2.63 8.77 6.51
CA LYS B 113 3.21 7.44 6.50
C LYS B 113 2.88 6.77 5.18
N TYR B 114 3.73 5.84 4.77
CA TYR B 114 3.53 5.14 3.50
C TYR B 114 2.28 4.28 3.62
N GLU B 115 1.18 4.76 3.05
CA GLU B 115 -0.11 4.10 3.22
C GLU B 115 -0.13 2.76 2.48
N GLY B 116 -1.16 1.98 2.76
CA GLY B 116 -1.33 0.70 2.12
C GLY B 116 -2.80 0.37 1.96
N MET B 117 -3.07 -0.55 1.03
CA MET B 117 -4.45 -0.96 0.77
C MET B 117 -5.09 -1.45 2.04
N ASP B 118 -6.29 -0.98 2.32
CA ASP B 118 -6.94 -1.30 3.59
C ASP B 118 -8.34 -1.89 3.44
N TYR B 119 -9.12 -1.42 2.46
CA TYR B 119 -10.48 -1.90 2.26
C TYR B 119 -10.55 -2.63 0.92
N TRP B 120 -10.81 -3.93 0.99
CA TRP B 120 -10.89 -4.79 -0.18
C TRP B 120 -12.32 -5.27 -0.39
N GLY B 121 -12.74 -5.36 -1.65
CA GLY B 121 -14.00 -5.96 -1.97
C GLY B 121 -13.89 -7.47 -2.04
N GLN B 122 -14.99 -8.10 -2.42
CA GLN B 122 -15.01 -9.54 -2.58
C GLN B 122 -14.54 -9.94 -3.98
N GLY B 123 -14.35 -11.23 -4.18
CA GLY B 123 -13.85 -11.72 -5.45
C GLY B 123 -14.91 -11.76 -6.53
N THR B 124 -14.44 -11.95 -7.77
CA THR B 124 -15.33 -12.12 -8.92
C THR B 124 -14.61 -13.03 -9.91
N LEU B 125 -14.92 -14.33 -9.84
CA LEU B 125 -14.20 -15.30 -10.65
C LEU B 125 -14.30 -14.95 -12.12
N VAL B 126 -13.18 -15.12 -12.84
CA VAL B 126 -13.10 -14.83 -14.27
C VAL B 126 -12.50 -16.06 -14.93
N THR B 127 -13.35 -16.99 -15.35
CA THR B 127 -12.91 -18.25 -15.93
C THR B 127 -12.80 -18.08 -17.45
N VAL B 128 -11.59 -17.97 -17.95
CA VAL B 128 -11.33 -17.88 -19.38
C VAL B 128 -11.01 -19.29 -19.86
N SER B 129 -12.06 -20.05 -20.19
CA SER B 129 -11.91 -21.44 -20.59
C SER B 129 -12.70 -21.68 -21.86
N SER B 130 -12.06 -22.29 -22.86
CA SER B 130 -12.70 -22.55 -24.14
C SER B 130 -13.71 -23.68 -24.08
N ALA B 131 -13.78 -24.42 -22.97
CA ALA B 131 -14.70 -25.54 -22.88
C ALA B 131 -16.14 -25.02 -22.75
N SER B 132 -17.08 -25.95 -22.62
CA SER B 132 -18.49 -25.65 -22.47
C SER B 132 -19.06 -26.46 -21.32
N THR B 133 -20.33 -26.19 -21.01
CA THR B 133 -21.00 -26.92 -19.95
C THR B 133 -21.09 -28.41 -20.30
N LYS B 134 -20.94 -29.26 -19.28
CA LYS B 134 -21.05 -30.70 -19.48
C LYS B 134 -21.49 -31.33 -18.16
N GLY B 135 -22.02 -32.54 -18.27
CA GLY B 135 -22.48 -33.28 -17.12
C GLY B 135 -21.43 -34.24 -16.61
N PRO B 136 -21.30 -34.35 -15.29
CA PRO B 136 -20.29 -35.25 -14.73
C PRO B 136 -20.60 -36.71 -15.01
N SER B 137 -19.54 -37.50 -15.13
CA SER B 137 -19.65 -38.95 -15.22
C SER B 137 -19.15 -39.54 -13.92
N VAL B 138 -20.01 -40.32 -13.25
CA VAL B 138 -19.70 -40.89 -11.94
C VAL B 138 -19.24 -42.33 -12.14
N PHE B 139 -18.14 -42.69 -11.48
CA PHE B 139 -17.61 -44.03 -11.55
C PHE B 139 -17.31 -44.54 -10.15
N PRO B 140 -17.58 -45.82 -9.86
CA PRO B 140 -17.40 -46.31 -8.50
C PRO B 140 -15.99 -46.80 -8.20
N LEU B 141 -15.31 -46.17 -7.25
CA LEU B 141 -14.09 -46.72 -6.67
C LEU B 141 -14.52 -47.73 -5.64
N ALA B 142 -14.63 -48.99 -6.06
CA ALA B 142 -15.14 -50.05 -5.21
C ALA B 142 -14.10 -50.41 -4.15
N PRO B 143 -14.54 -51.06 -3.07
CA PRO B 143 -13.58 -51.49 -2.05
C PRO B 143 -12.57 -52.47 -2.61
N SER B 144 -11.38 -52.47 -2.03
CA SER B 144 -10.35 -53.42 -2.43
C SER B 144 -10.83 -54.84 -2.13
N SER B 145 -10.01 -55.83 -2.50
CA SER B 145 -10.40 -57.21 -2.25
C SER B 145 -10.65 -57.45 -0.77
N LYS B 146 -9.62 -57.28 0.05
CA LYS B 146 -9.72 -57.36 1.52
C LYS B 146 -9.25 -56.06 2.15
N GLY B 151 -8.89 -52.79 10.44
CA GLY B 151 -9.98 -53.36 9.68
C GLY B 151 -11.02 -52.33 9.28
N THR B 152 -10.74 -51.61 8.19
CA THR B 152 -11.65 -50.56 7.72
C THR B 152 -11.45 -50.43 6.21
N ALA B 153 -12.45 -50.86 5.44
CA ALA B 153 -12.37 -50.71 4.00
C ALA B 153 -12.67 -49.26 3.60
N ALA B 154 -12.37 -48.93 2.35
CA ALA B 154 -12.62 -47.61 1.80
C ALA B 154 -13.29 -47.74 0.45
N LEU B 155 -14.20 -46.81 0.15
CA LEU B 155 -14.88 -46.80 -1.13
C LEU B 155 -15.24 -45.37 -1.47
N GLY B 156 -15.43 -45.10 -2.76
CA GLY B 156 -15.66 -43.73 -3.17
C GLY B 156 -16.32 -43.61 -4.52
N CYS B 157 -16.56 -42.37 -4.90
CA CYS B 157 -17.11 -42.02 -6.20
C CYS B 157 -16.16 -41.04 -6.88
N LEU B 158 -15.84 -41.31 -8.15
CA LEU B 158 -14.97 -40.45 -8.95
C LEU B 158 -15.82 -39.80 -10.01
N VAL B 159 -15.96 -38.48 -9.94
CA VAL B 159 -16.72 -37.71 -10.92
C VAL B 159 -15.73 -37.07 -11.88
N LYS B 160 -15.85 -37.40 -13.16
CA LYS B 160 -14.90 -36.99 -14.17
C LYS B 160 -15.63 -36.29 -15.31
N ASP B 161 -14.92 -35.38 -15.97
CA ASP B 161 -15.41 -34.75 -17.19
C ASP B 161 -16.67 -33.93 -16.91
N TYR B 162 -16.53 -32.93 -16.06
CA TYR B 162 -17.61 -32.00 -15.75
C TYR B 162 -17.09 -30.58 -15.81
N PHE B 163 -18.01 -29.64 -16.07
CA PHE B 163 -17.66 -28.24 -16.22
C PHE B 163 -18.93 -27.40 -16.19
N PRO B 164 -18.93 -26.23 -15.53
CA PRO B 164 -17.89 -25.63 -14.70
C PRO B 164 -18.03 -26.03 -13.24
N GLU B 165 -17.21 -25.46 -12.37
CA GLU B 165 -17.35 -25.71 -10.94
C GLU B 165 -18.57 -24.98 -10.40
N PRO B 166 -19.10 -25.40 -9.25
CA PRO B 166 -18.67 -26.51 -8.38
C PRO B 166 -19.60 -27.71 -8.45
N VAL B 167 -19.33 -28.71 -7.63
CA VAL B 167 -20.18 -29.89 -7.48
C VAL B 167 -20.25 -30.23 -6.00
N THR B 168 -21.44 -30.61 -5.54
CA THR B 168 -21.66 -31.01 -4.15
C THR B 168 -21.96 -32.50 -4.11
N VAL B 169 -21.21 -33.24 -3.28
CA VAL B 169 -21.36 -34.68 -3.14
C VAL B 169 -21.69 -34.99 -1.70
N SER B 170 -22.79 -35.70 -1.49
CA SER B 170 -23.20 -36.16 -0.17
C SER B 170 -23.40 -37.67 -0.23
N TRP B 171 -22.97 -38.36 0.83
CA TRP B 171 -22.93 -39.81 0.83
C TRP B 171 -24.10 -40.38 1.60
N ASN B 172 -24.85 -41.28 0.95
CA ASN B 172 -25.96 -41.98 1.57
C ASN B 172 -27.01 -41.00 2.09
N SER B 173 -27.43 -40.09 1.20
CA SER B 173 -28.48 -39.11 1.52
C SER B 173 -28.08 -38.28 2.74
N GLY B 174 -26.79 -37.98 2.87
CA GLY B 174 -26.31 -37.22 4.00
C GLY B 174 -26.20 -38.00 5.29
N ALA B 175 -26.49 -39.30 5.28
CA ALA B 175 -26.41 -40.09 6.51
C ALA B 175 -24.98 -40.12 7.04
N LEU B 176 -24.00 -40.26 6.16
CA LEU B 176 -22.61 -40.34 6.54
C LEU B 176 -21.94 -38.98 6.34
N THR B 177 -21.28 -38.49 7.38
CA THR B 177 -20.52 -37.26 7.29
C THR B 177 -19.18 -37.34 8.00
N SER B 178 -18.88 -38.45 8.67
CA SER B 178 -17.60 -38.64 9.34
C SER B 178 -16.77 -39.64 8.54
N GLY B 179 -15.51 -39.27 8.29
CA GLY B 179 -14.64 -40.11 7.48
C GLY B 179 -14.80 -39.95 5.99
N VAL B 180 -15.62 -38.99 5.55
CA VAL B 180 -15.83 -38.74 4.12
C VAL B 180 -15.01 -37.52 3.73
N HIS B 181 -14.21 -37.67 2.67
CA HIS B 181 -13.37 -36.61 2.16
C HIS B 181 -13.72 -36.34 0.70
N THR B 182 -13.74 -35.06 0.33
CA THR B 182 -13.94 -34.65 -1.06
C THR B 182 -12.77 -33.74 -1.44
N PHE B 183 -11.88 -34.26 -2.28
CA PHE B 183 -10.68 -33.52 -2.63
C PHE B 183 -11.02 -32.38 -3.58
N PRO B 184 -10.23 -31.31 -3.57
CA PRO B 184 -10.51 -30.18 -4.46
C PRO B 184 -10.40 -30.59 -5.93
N ALA B 185 -11.18 -29.92 -6.76
CA ALA B 185 -11.20 -30.23 -8.18
C ALA B 185 -9.84 -29.94 -8.82
N VAL B 186 -9.42 -30.82 -9.72
CA VAL B 186 -8.17 -30.68 -10.45
C VAL B 186 -8.50 -30.55 -11.93
N LEU B 187 -7.96 -29.52 -12.57
CA LEU B 187 -8.23 -29.23 -13.97
C LEU B 187 -7.43 -30.19 -14.84
N GLN B 188 -8.12 -31.09 -15.53
CA GLN B 188 -7.45 -32.05 -16.40
C GLN B 188 -6.86 -31.34 -17.61
N SER B 189 -5.97 -32.05 -18.30
CA SER B 189 -5.34 -31.48 -19.49
C SER B 189 -6.37 -31.15 -20.56
N SER B 190 -7.34 -32.04 -20.76
CA SER B 190 -8.37 -31.82 -21.78
C SER B 190 -9.25 -30.63 -21.48
N GLY B 191 -9.22 -30.10 -20.26
CA GLY B 191 -9.99 -28.92 -19.91
C GLY B 191 -11.26 -29.20 -19.13
N LEU B 192 -11.52 -30.45 -18.76
CA LEU B 192 -12.70 -30.82 -18.01
C LEU B 192 -12.30 -31.33 -16.63
N TYR B 193 -13.01 -30.85 -15.60
CA TYR B 193 -12.59 -31.10 -14.24
C TYR B 193 -12.85 -32.55 -13.81
N SER B 194 -12.10 -32.97 -12.79
CA SER B 194 -12.29 -34.27 -12.16
C SER B 194 -12.18 -34.10 -10.66
N LEU B 195 -12.77 -35.03 -9.92
CA LEU B 195 -12.90 -34.88 -8.47
C LEU B 195 -13.28 -36.22 -7.87
N SER B 196 -12.57 -36.63 -6.83
CA SER B 196 -12.83 -37.89 -6.14
C SER B 196 -13.33 -37.62 -4.73
N SER B 197 -14.34 -38.36 -4.31
CA SER B 197 -14.87 -38.27 -2.95
C SER B 197 -14.94 -39.67 -2.37
N VAL B 198 -14.20 -39.90 -1.29
CA VAL B 198 -13.99 -41.25 -0.76
C VAL B 198 -14.26 -41.25 0.74
N VAL B 199 -14.84 -42.34 1.24
CA VAL B 199 -15.14 -42.52 2.65
C VAL B 199 -14.68 -43.91 3.08
N THR B 200 -14.24 -44.01 4.33
CA THR B 200 -13.80 -45.26 4.92
C THR B 200 -14.84 -45.75 5.92
N VAL B 201 -15.21 -47.03 5.80
CA VAL B 201 -16.23 -47.63 6.66
C VAL B 201 -15.74 -48.99 7.13
N PRO B 202 -16.36 -49.51 8.19
CA PRO B 202 -15.93 -50.81 8.73
C PRO B 202 -16.04 -51.90 7.66
N SER B 203 -15.05 -52.80 7.67
CA SER B 203 -14.99 -53.85 6.66
C SER B 203 -16.20 -54.77 6.76
N SER B 204 -16.61 -55.10 7.98
CA SER B 204 -17.71 -56.05 8.16
C SER B 204 -19.01 -55.50 7.58
N SER B 205 -19.25 -54.20 7.73
CA SER B 205 -20.50 -53.61 7.26
C SER B 205 -20.70 -53.78 5.77
N LEU B 206 -19.62 -54.00 5.01
CA LEU B 206 -19.75 -54.15 3.57
C LEU B 206 -20.55 -55.40 3.24
N GLY B 207 -21.33 -55.32 2.15
CA GLY B 207 -22.17 -56.41 1.71
C GLY B 207 -23.53 -56.45 2.38
N THR B 208 -23.79 -55.58 3.35
CA THR B 208 -25.07 -55.54 4.05
C THR B 208 -25.82 -54.24 3.80
N GLN B 209 -25.17 -53.10 4.01
CA GLN B 209 -25.78 -51.80 3.78
C GLN B 209 -25.30 -51.25 2.46
N THR B 210 -26.24 -50.99 1.55
CA THR B 210 -25.90 -50.45 0.25
C THR B 210 -25.47 -48.99 0.38
N TYR B 211 -24.35 -48.64 -0.26
CA TYR B 211 -23.81 -47.30 -0.23
C TYR B 211 -24.05 -46.62 -1.57
N ILE B 212 -24.61 -45.41 -1.54
CA ILE B 212 -24.91 -44.65 -2.74
C ILE B 212 -24.40 -43.22 -2.56
N CYS B 213 -23.78 -42.67 -3.59
CA CYS B 213 -23.27 -41.32 -3.56
C CYS B 213 -24.12 -40.43 -4.47
N ASN B 214 -24.34 -39.20 -4.01
CA ASN B 214 -25.18 -38.23 -4.70
C ASN B 214 -24.28 -37.21 -5.39
N VAL B 215 -24.42 -37.08 -6.71
CA VAL B 215 -23.68 -36.10 -7.49
C VAL B 215 -24.72 -35.16 -8.10
N ASN B 216 -24.74 -33.91 -7.66
CA ASN B 216 -25.66 -32.91 -8.17
C ASN B 216 -24.88 -31.79 -8.84
N HIS B 217 -25.31 -31.40 -10.03
CA HIS B 217 -24.63 -30.39 -10.83
C HIS B 217 -25.66 -29.33 -11.22
N LYS B 218 -25.60 -28.19 -10.54
CA LYS B 218 -26.56 -27.12 -10.78
C LYS B 218 -26.48 -26.59 -12.21
N PRO B 219 -25.30 -26.32 -12.78
CA PRO B 219 -25.27 -25.71 -14.12
C PRO B 219 -26.05 -26.49 -15.17
N SER B 220 -26.02 -27.82 -15.10
CA SER B 220 -26.85 -28.66 -15.96
C SER B 220 -27.87 -29.46 -15.14
N ASN B 221 -28.08 -29.07 -13.88
CA ASN B 221 -29.07 -29.68 -13.00
C ASN B 221 -29.14 -31.20 -13.19
N THR B 222 -27.97 -31.83 -13.16
CA THR B 222 -27.85 -33.27 -13.35
C THR B 222 -27.63 -33.93 -12.00
N LYS B 223 -28.49 -34.89 -11.67
CA LYS B 223 -28.42 -35.61 -10.40
C LYS B 223 -28.22 -37.08 -10.67
N VAL B 224 -27.20 -37.67 -10.04
CA VAL B 224 -26.85 -39.07 -10.22
C VAL B 224 -26.67 -39.70 -8.85
N ASP B 225 -27.31 -40.84 -8.63
CA ASP B 225 -27.21 -41.61 -7.38
C ASP B 225 -26.47 -42.90 -7.74
N LYS B 226 -25.15 -42.89 -7.59
CA LYS B 226 -24.34 -44.03 -7.98
C LYS B 226 -24.28 -45.04 -6.84
N LYS B 227 -24.40 -46.32 -7.18
CA LYS B 227 -24.47 -47.40 -6.20
C LYS B 227 -23.11 -48.11 -6.18
N VAL B 228 -22.18 -47.58 -5.38
CA VAL B 228 -20.87 -48.21 -5.25
C VAL B 228 -21.00 -49.47 -4.41
N GLU B 229 -20.47 -50.59 -4.94
CA GLU B 229 -20.55 -51.85 -4.22
C GLU B 229 -19.53 -52.80 -4.81
N PRO B 230 -18.82 -53.59 -3.99
CA PRO B 230 -17.88 -54.57 -4.54
C PRO B 230 -18.59 -55.77 -5.17
N ASP C 2 10.39 -4.34 -12.25
CA ASP C 2 9.78 -5.09 -11.16
C ASP C 2 10.79 -5.37 -10.05
N ILE C 3 10.39 -5.12 -8.81
CA ILE C 3 11.24 -5.40 -7.66
C ILE C 3 10.86 -6.76 -7.11
N GLN C 4 11.81 -7.68 -7.10
CA GLN C 4 11.58 -9.02 -6.60
C GLN C 4 11.62 -9.00 -5.07
N MET C 5 10.62 -9.60 -4.44
CA MET C 5 10.53 -9.68 -2.98
C MET C 5 10.49 -11.14 -2.57
N THR C 6 11.60 -11.64 -2.06
CA THR C 6 11.64 -12.99 -1.52
C THR C 6 11.06 -12.99 -0.11
N GLN C 7 10.43 -14.11 0.26
CA GLN C 7 9.84 -14.25 1.57
C GLN C 7 10.14 -15.62 2.12
N SER C 8 10.46 -15.69 3.41
CA SER C 8 10.75 -16.96 4.06
C SER C 8 10.22 -16.92 5.49
N PRO C 9 9.98 -18.08 6.11
CA PRO C 9 10.06 -19.40 5.47
C PRO C 9 8.85 -19.68 4.60
N SER C 10 8.99 -20.56 3.61
CA SER C 10 7.90 -20.82 2.68
C SER C 10 6.68 -21.36 3.40
N SER C 11 6.88 -22.29 4.33
CA SER C 11 5.78 -22.89 5.08
C SER C 11 6.21 -23.06 6.53
N LEU C 12 5.34 -22.69 7.45
CA LEU C 12 5.61 -22.77 8.88
C LEU C 12 4.82 -23.90 9.51
N SER C 13 5.17 -24.22 10.75
CA SER C 13 4.41 -25.21 11.52
C SER C 13 4.68 -24.91 13.00
N ALA C 14 3.72 -24.24 13.64
CA ALA C 14 3.86 -23.84 15.03
C ALA C 14 2.56 -24.07 15.77
N SER C 15 2.66 -24.61 16.98
CA SER C 15 1.49 -24.87 17.79
C SER C 15 1.00 -23.58 18.45
N VAL C 16 -0.25 -23.62 18.92
CA VAL C 16 -0.85 -22.44 19.53
C VAL C 16 0.02 -21.97 20.70
N GLY C 17 0.20 -20.65 20.79
CA GLY C 17 0.96 -20.04 21.85
C GLY C 17 2.42 -19.78 21.50
N ASP C 18 2.95 -20.42 20.47
CA ASP C 18 4.34 -20.23 20.09
C ASP C 18 4.52 -18.91 19.36
N ARG C 19 5.72 -18.35 19.45
CA ARG C 19 6.07 -17.17 18.68
C ARG C 19 6.24 -17.52 17.22
N VAL C 20 6.16 -16.50 16.36
CA VAL C 20 6.32 -16.69 14.92
C VAL C 20 7.09 -15.50 14.36
N THR C 21 7.94 -15.75 13.38
CA THR C 21 8.72 -14.71 12.74
C THR C 21 8.81 -14.98 11.25
N ILE C 22 8.42 -14.00 10.43
CA ILE C 22 8.42 -14.12 8.98
C ILE C 22 9.26 -12.99 8.41
N THR C 23 10.20 -13.33 7.51
CA THR C 23 11.14 -12.37 6.98
C THR C 23 10.91 -12.14 5.50
N CYS C 24 11.05 -10.89 5.09
CA CYS C 24 10.84 -10.44 3.71
C CYS C 24 12.09 -9.69 3.27
N ARG C 25 12.72 -10.18 2.21
CA ARG C 25 13.94 -9.58 1.67
C ARG C 25 13.65 -8.98 0.31
N ALA C 26 13.97 -7.70 0.15
CA ALA C 26 13.75 -6.99 -1.10
C ALA C 26 14.95 -7.21 -2.03
N SER C 27 15.01 -6.44 -3.11
CA SER C 27 16.15 -6.45 -4.01
C SER C 27 16.93 -5.14 -3.94
N GLN C 28 16.25 -4.01 -4.17
CA GLN C 28 16.84 -2.69 -3.99
C GLN C 28 16.48 -2.19 -2.59
N SER C 29 16.71 -0.91 -2.34
CA SER C 29 16.36 -0.29 -1.08
C SER C 29 14.99 0.37 -1.20
N VAL C 30 14.07 -0.02 -0.34
CA VAL C 30 12.75 0.61 -0.23
C VAL C 30 12.63 1.18 1.18
N SER C 31 12.32 2.47 1.27
CA SER C 31 12.35 3.18 2.54
C SER C 31 11.01 3.04 3.23
N SER C 32 10.87 2.01 4.05
CA SER C 32 9.74 1.83 4.96
C SER C 32 8.42 1.65 4.24
N ALA C 33 8.42 1.48 2.92
CA ALA C 33 7.18 1.33 2.17
C ALA C 33 6.86 -0.15 1.98
N VAL C 34 6.45 -0.78 3.08
CA VAL C 34 6.11 -2.19 3.09
C VAL C 34 4.82 -2.40 3.88
N ALA C 35 4.15 -3.51 3.59
CA ALA C 35 2.93 -3.86 4.31
C ALA C 35 2.79 -5.37 4.35
N TRP C 36 2.01 -5.84 5.32
CA TRP C 36 1.75 -7.26 5.53
C TRP C 36 0.26 -7.48 5.66
N TYR C 37 -0.27 -8.45 4.92
CA TYR C 37 -1.69 -8.80 4.89
C TYR C 37 -1.90 -10.19 5.47
N GLN C 38 -3.14 -10.67 5.40
CA GLN C 38 -3.51 -11.97 5.95
C GLN C 38 -4.72 -12.46 5.17
N GLN C 39 -4.53 -13.43 4.30
CA GLN C 39 -5.61 -13.99 3.49
C GLN C 39 -6.09 -15.28 4.12
N LYS C 40 -7.28 -15.25 4.71
CA LYS C 40 -7.91 -16.48 5.16
C LYS C 40 -8.34 -17.30 3.95
N PRO C 41 -8.55 -18.60 4.12
CA PRO C 41 -8.92 -19.45 2.98
C PRO C 41 -10.11 -18.92 2.22
N GLY C 42 -9.90 -18.50 0.97
CA GLY C 42 -10.99 -18.02 0.13
C GLY C 42 -11.70 -16.80 0.67
N LYS C 43 -10.94 -15.80 1.09
CA LYS C 43 -11.52 -14.55 1.59
C LYS C 43 -10.62 -13.39 1.20
N ALA C 44 -11.20 -12.20 1.19
CA ALA C 44 -10.44 -11.01 0.81
C ALA C 44 -9.34 -10.75 1.81
N PRO C 45 -8.10 -10.55 1.40
CA PRO C 45 -7.03 -10.28 2.37
C PRO C 45 -7.31 -9.03 3.17
N LYS C 46 -6.92 -9.06 4.44
CA LYS C 46 -7.02 -7.91 5.32
C LYS C 46 -5.63 -7.29 5.51
N LEU C 47 -5.61 -6.03 5.90
CA LEU C 47 -4.36 -5.31 6.11
C LEU C 47 -3.95 -5.46 7.56
N LEU C 48 -2.84 -6.14 7.80
CA LEU C 48 -2.35 -6.33 9.16
C LEU C 48 -1.40 -5.21 9.58
N ILE C 49 -0.35 -4.96 8.81
CA ILE C 49 0.62 -3.93 9.14
C ILE C 49 0.86 -3.08 7.91
N TYR C 50 0.88 -1.76 8.09
CA TYR C 50 1.14 -0.82 7.01
C TYR C 50 2.28 0.10 7.40
N SER C 51 2.97 0.63 6.39
CA SER C 51 4.24 1.31 6.62
C SER C 51 5.23 0.32 7.19
N ALA C 52 6.38 0.81 7.65
CA ALA C 52 7.41 -0.10 8.16
C ALA C 52 6.88 -0.90 9.35
N SER C 53 6.34 -0.21 10.36
CA SER C 53 6.01 -0.85 11.61
C SER C 53 4.66 -0.46 12.19
N SER C 54 3.94 0.49 11.59
CA SER C 54 2.66 0.90 12.15
C SER C 54 1.64 -0.22 12.06
N LEU C 55 0.70 -0.23 12.99
CA LEU C 55 -0.35 -1.22 13.05
C LEU C 55 -1.67 -0.60 12.59
N TYR C 56 -2.34 -1.24 11.64
CA TYR C 56 -3.64 -0.77 11.21
C TYR C 56 -4.62 -0.84 12.38
N SER C 57 -5.37 0.23 12.59
CA SER C 57 -6.28 0.32 13.73
C SER C 57 -7.33 -0.79 13.66
N GLY C 58 -7.27 -1.72 14.60
CA GLY C 58 -8.24 -2.80 14.66
C GLY C 58 -7.61 -4.15 14.93
N VAL C 59 -6.38 -4.34 14.46
CA VAL C 59 -5.68 -5.62 14.64
C VAL C 59 -5.22 -5.74 16.09
N PRO C 60 -5.12 -6.94 16.64
CA PRO C 60 -4.61 -7.08 18.01
C PRO C 60 -3.14 -6.70 18.10
N SER C 61 -2.73 -6.35 19.32
CA SER C 61 -1.38 -5.87 19.55
C SER C 61 -0.31 -6.94 19.31
N ARG C 62 -0.71 -8.20 19.17
CA ARG C 62 0.29 -9.26 18.99
C ARG C 62 1.13 -9.03 17.74
N PHE C 63 0.49 -8.66 16.64
CA PHE C 63 1.21 -8.46 15.39
C PHE C 63 2.07 -7.21 15.47
N SER C 64 3.32 -7.31 15.02
CA SER C 64 4.22 -6.17 15.01
C SER C 64 5.23 -6.35 13.88
N GLY C 65 5.80 -5.22 13.45
CA GLY C 65 6.76 -5.23 12.37
C GLY C 65 7.99 -4.40 12.73
N SER C 66 9.03 -4.56 11.93
CA SER C 66 10.28 -3.86 12.14
C SER C 66 10.92 -3.58 10.77
N ARG C 67 12.17 -3.15 10.80
CA ARG C 67 12.91 -2.90 9.57
C ARG C 67 14.40 -2.92 9.87
N SER C 68 15.18 -3.36 8.90
CA SER C 68 16.64 -3.39 9.02
C SER C 68 17.20 -3.31 7.61
N GLY C 69 17.68 -2.13 7.23
CA GLY C 69 18.16 -1.93 5.88
C GLY C 69 17.06 -2.15 4.87
N THR C 70 17.14 -3.27 4.14
CA THR C 70 16.11 -3.66 3.18
C THR C 70 15.42 -4.96 3.57
N ASP C 71 15.58 -5.41 4.81
CA ASP C 71 14.99 -6.65 5.29
C ASP C 71 13.94 -6.33 6.34
N PHE C 72 12.72 -6.82 6.11
CA PHE C 72 11.59 -6.54 6.99
C PHE C 72 11.17 -7.83 7.67
N THR C 73 10.53 -7.71 8.83
CA THR C 73 10.17 -8.88 9.62
C THR C 73 8.86 -8.63 10.35
N LEU C 74 8.01 -9.65 10.35
CA LEU C 74 6.76 -9.66 11.10
C LEU C 74 6.88 -10.66 12.23
N THR C 75 6.61 -10.22 13.46
CA THR C 75 6.77 -11.04 14.65
C THR C 75 5.44 -11.13 15.39
N ILE C 76 5.06 -12.36 15.76
CA ILE C 76 3.84 -12.63 16.51
C ILE C 76 4.25 -13.27 17.82
N SER C 77 3.76 -12.69 18.93
CA SER C 77 4.14 -13.19 20.25
C SER C 77 3.47 -14.53 20.54
N SER C 78 2.15 -14.55 20.59
CA SER C 78 1.39 -15.77 20.84
C SER C 78 0.50 -16.04 19.62
N LEU C 79 0.60 -17.24 19.08
CA LEU C 79 -0.10 -17.60 17.84
C LEU C 79 -1.48 -18.13 18.20
N GLN C 80 -2.49 -17.26 18.16
CA GLN C 80 -3.83 -17.66 18.51
C GLN C 80 -4.41 -18.60 17.47
N PRO C 81 -5.42 -19.39 17.83
CA PRO C 81 -5.97 -20.36 16.86
C PRO C 81 -6.56 -19.71 15.62
N GLU C 82 -6.91 -18.43 15.69
CA GLU C 82 -7.52 -17.73 14.57
C GLU C 82 -6.49 -17.05 13.66
N ASP C 83 -5.20 -17.26 13.91
CA ASP C 83 -4.14 -16.60 13.15
C ASP C 83 -3.51 -17.50 12.10
N PHE C 84 -4.13 -18.65 11.81
CA PHE C 84 -3.57 -19.61 10.86
C PHE C 84 -4.07 -19.28 9.46
N ALA C 85 -3.24 -18.59 8.68
CA ALA C 85 -3.57 -18.24 7.31
C ALA C 85 -2.35 -17.56 6.69
N THR C 86 -2.26 -17.62 5.37
CA THR C 86 -1.08 -17.10 4.69
C THR C 86 -0.94 -15.60 4.90
N TYR C 87 0.30 -15.14 5.00
CA TYR C 87 0.63 -13.73 5.15
C TYR C 87 1.51 -13.29 3.98
N TYR C 88 1.17 -12.17 3.37
CA TYR C 88 1.85 -11.69 2.17
C TYR C 88 2.61 -10.40 2.47
N CYS C 89 3.64 -10.14 1.66
CA CYS C 89 4.53 -9.00 1.84
C CYS C 89 4.42 -8.11 0.60
N GLN C 90 4.09 -6.84 0.80
CA GLN C 90 3.93 -5.88 -0.28
C GLN C 90 4.89 -4.73 -0.10
N GLN C 91 5.37 -4.19 -1.22
CA GLN C 91 6.16 -2.96 -1.24
C GLN C 91 5.51 -1.95 -2.18
N SER C 92 5.45 -0.69 -1.73
CA SER C 92 4.76 0.36 -2.47
C SER C 92 5.70 1.43 -3.02
N TYR C 93 7.00 1.34 -2.74
CA TYR C 93 7.91 2.40 -3.15
C TYR C 93 7.97 2.51 -4.67
N TYR C 94 8.23 1.41 -5.35
CA TYR C 94 8.40 1.39 -6.81
C TYR C 94 7.24 0.64 -7.45
N TYR C 95 6.59 1.27 -8.41
CA TYR C 95 5.61 0.56 -9.22
C TYR C 95 6.34 -0.25 -10.30
N PRO C 96 5.78 -1.39 -10.73
CA PRO C 96 4.53 -2.01 -10.27
C PRO C 96 4.67 -2.67 -8.91
N ILE C 97 3.59 -2.64 -8.11
CA ILE C 97 3.63 -3.25 -6.80
C ILE C 97 3.87 -4.74 -6.93
N THR C 98 4.70 -5.29 -6.04
CA THR C 98 5.03 -6.71 -6.06
C THR C 98 4.72 -7.30 -4.71
N PHE C 99 4.01 -8.43 -4.71
CA PHE C 99 3.68 -9.15 -3.49
C PHE C 99 4.74 -10.22 -3.22
N GLY C 100 4.57 -10.94 -2.12
CA GLY C 100 5.45 -12.05 -1.79
C GLY C 100 4.79 -13.39 -2.08
N GLN C 101 5.59 -14.45 -1.92
CA GLN C 101 5.06 -15.79 -2.11
C GLN C 101 4.02 -16.13 -1.06
N GLY C 102 4.23 -15.70 0.17
CA GLY C 102 3.36 -16.05 1.27
C GLY C 102 3.95 -17.17 2.11
N THR C 103 3.59 -17.19 3.39
CA THR C 103 4.14 -18.14 4.35
C THR C 103 2.97 -18.78 5.10
N LYS C 104 2.43 -19.85 4.54
CA LYS C 104 1.29 -20.51 5.16
C LYS C 104 1.66 -20.99 6.56
N VAL C 105 0.77 -20.73 7.52
CA VAL C 105 0.93 -21.17 8.90
C VAL C 105 -0.11 -22.24 9.17
N GLU C 106 0.35 -23.40 9.63
CA GLU C 106 -0.50 -24.57 9.75
C GLU C 106 -0.36 -25.20 11.14
N ILE C 107 -1.40 -25.95 11.53
CA ILE C 107 -1.38 -26.60 12.83
C ILE C 107 -0.25 -27.60 12.89
N LYS C 108 0.18 -27.90 14.12
CA LYS C 108 1.22 -28.90 14.38
C LYS C 108 0.66 -30.02 15.23
N ARG C 109 1.20 -31.21 15.04
CA ARG C 109 0.80 -32.39 15.79
C ARG C 109 1.93 -33.40 15.74
N THR C 110 1.64 -34.63 16.14
CA THR C 110 2.63 -35.71 16.14
C THR C 110 2.58 -36.46 14.82
N VAL C 111 3.71 -37.08 14.47
CA VAL C 111 3.80 -37.84 13.24
C VAL C 111 2.75 -38.94 13.23
N ALA C 112 2.14 -39.16 12.07
CA ALA C 112 1.15 -40.22 11.91
C ALA C 112 1.35 -40.88 10.55
N ALA C 113 1.30 -42.21 10.54
CA ALA C 113 1.54 -42.95 9.31
C ALA C 113 0.37 -42.77 8.34
N PRO C 114 0.63 -42.87 7.04
CA PRO C 114 -0.46 -42.76 6.06
C PRO C 114 -1.12 -44.09 5.77
N SER C 115 -2.46 -44.13 5.78
CA SER C 115 -3.18 -45.34 5.38
C SER C 115 -3.27 -45.36 3.86
N VAL C 116 -2.75 -46.39 3.23
CA VAL C 116 -2.61 -46.45 1.78
C VAL C 116 -3.67 -47.39 1.22
N PHE C 117 -4.33 -46.97 0.14
CA PHE C 117 -5.33 -47.78 -0.53
C PHE C 117 -5.17 -47.64 -2.04
N ILE C 118 -5.60 -48.67 -2.77
CA ILE C 118 -5.52 -48.70 -4.22
C ILE C 118 -6.88 -49.08 -4.77
N PHE C 119 -7.36 -48.31 -5.75
CA PHE C 119 -8.67 -48.52 -6.36
C PHE C 119 -8.51 -48.69 -7.87
N PRO C 120 -8.94 -49.81 -8.45
CA PRO C 120 -8.86 -49.97 -9.90
C PRO C 120 -10.01 -49.25 -10.59
N PRO C 121 -10.08 -49.31 -11.92
CA PRO C 121 -11.19 -48.67 -12.64
C PRO C 121 -12.35 -49.63 -12.87
N SER C 122 -13.56 -49.11 -12.71
CA SER C 122 -14.75 -49.92 -12.89
C SER C 122 -14.83 -50.40 -14.33
N ASP C 123 -15.36 -51.62 -14.50
CA ASP C 123 -15.52 -52.16 -15.85
C ASP C 123 -16.40 -51.25 -16.70
N SER C 124 -17.33 -50.53 -16.07
CA SER C 124 -18.18 -49.60 -16.82
C SER C 124 -17.34 -48.51 -17.48
N GLN C 125 -16.34 -47.99 -16.77
CA GLN C 125 -15.50 -46.93 -17.32
C GLN C 125 -14.68 -47.42 -18.51
N LEU C 126 -14.45 -48.74 -18.62
CA LEU C 126 -13.69 -49.23 -19.76
C LEU C 126 -14.41 -48.97 -21.08
N LYS C 127 -15.74 -48.84 -21.05
CA LYS C 127 -16.47 -48.51 -22.26
C LYS C 127 -16.05 -47.14 -22.80
N SER C 128 -15.89 -46.16 -21.91
CA SER C 128 -15.46 -44.84 -22.33
C SER C 128 -14.09 -44.86 -23.00
N GLY C 129 -13.30 -45.90 -22.76
CA GLY C 129 -12.00 -46.03 -23.38
C GLY C 129 -10.85 -45.46 -22.59
N THR C 130 -11.12 -44.68 -21.56
CA THR C 130 -10.08 -44.12 -20.69
C THR C 130 -10.19 -44.78 -19.33
N ALA C 131 -9.09 -45.37 -18.87
CA ALA C 131 -9.04 -46.07 -17.60
C ALA C 131 -8.19 -45.28 -16.64
N SER C 132 -8.71 -45.07 -15.43
CA SER C 132 -8.00 -44.36 -14.38
C SER C 132 -7.92 -45.23 -13.14
N VAL C 133 -6.75 -45.25 -12.51
CA VAL C 133 -6.55 -45.94 -11.24
C VAL C 133 -6.19 -44.91 -10.20
N VAL C 134 -6.55 -45.19 -8.94
CA VAL C 134 -6.42 -44.22 -7.87
C VAL C 134 -5.59 -44.81 -6.73
N CYS C 135 -4.63 -44.04 -6.23
CA CYS C 135 -3.91 -44.36 -5.00
C CYS C 135 -4.25 -43.30 -3.97
N LEU C 136 -4.67 -43.74 -2.79
CA LEU C 136 -5.21 -42.85 -1.77
C LEU C 136 -4.39 -42.97 -0.50
N LEU C 137 -3.88 -41.85 -0.02
CA LEU C 137 -3.22 -41.75 1.28
C LEU C 137 -4.15 -41.01 2.22
N ASN C 138 -4.48 -41.63 3.34
CA ASN C 138 -5.52 -41.14 4.22
C ASN C 138 -4.99 -40.96 5.64
N ASN C 139 -5.34 -39.84 6.25
CA ASN C 139 -5.08 -39.56 7.67
C ASN C 139 -3.59 -39.67 7.98
N PHE C 140 -2.81 -38.76 7.39
CA PHE C 140 -1.37 -38.74 7.59
C PHE C 140 -0.92 -37.36 8.01
N TYR C 141 0.36 -37.25 8.32
CA TYR C 141 1.00 -36.00 8.74
C TYR C 141 2.51 -36.20 8.73
N PRO C 142 3.30 -35.22 8.28
CA PRO C 142 2.95 -33.88 7.80
C PRO C 142 2.65 -33.81 6.31
N ARG C 143 2.57 -32.58 5.78
CA ARG C 143 2.18 -32.41 4.39
C ARG C 143 3.05 -33.22 3.45
N GLU C 144 4.35 -33.27 3.72
CA GLU C 144 5.28 -33.96 2.82
C GLU C 144 4.87 -35.41 2.66
N ALA C 145 4.91 -35.90 1.42
CA ALA C 145 4.63 -37.29 1.12
C ALA C 145 5.00 -37.55 -0.32
N LYS C 146 5.56 -38.73 -0.59
CA LYS C 146 5.99 -39.12 -1.93
C LYS C 146 5.18 -40.32 -2.39
N VAL C 147 4.56 -40.20 -3.57
CA VAL C 147 3.77 -41.27 -4.16
C VAL C 147 4.25 -41.45 -5.59
N GLN C 148 4.50 -42.70 -5.98
CA GLN C 148 5.02 -42.99 -7.31
C GLN C 148 4.35 -44.24 -7.86
N TRP C 149 4.31 -44.32 -9.19
CA TRP C 149 3.68 -45.41 -9.91
C TRP C 149 4.74 -46.21 -10.66
N LYS C 150 4.63 -47.55 -10.56
CA LYS C 150 5.56 -48.43 -11.27
C LYS C 150 4.76 -49.66 -11.70
N VAL C 151 4.30 -49.66 -12.95
CA VAL C 151 3.49 -50.75 -13.47
C VAL C 151 4.42 -51.89 -13.86
N ASP C 152 4.32 -53.01 -13.15
CA ASP C 152 5.17 -54.17 -13.39
C ASP C 152 6.65 -53.77 -13.37
N ASN C 153 7.00 -52.91 -12.41
CA ASN C 153 8.34 -52.36 -12.21
C ASN C 153 8.70 -51.34 -13.28
N ALA C 154 7.84 -51.08 -14.25
CA ALA C 154 8.09 -50.09 -15.29
C ALA C 154 7.62 -48.74 -14.77
N LEU C 155 8.55 -47.90 -14.34
CA LEU C 155 8.20 -46.62 -13.76
C LEU C 155 7.43 -45.77 -14.77
N GLN C 156 6.35 -45.14 -14.31
CA GLN C 156 5.52 -44.27 -15.13
C GLN C 156 5.60 -42.85 -14.59
N SER C 157 5.76 -41.89 -15.49
CA SER C 157 5.86 -40.50 -15.09
C SER C 157 5.32 -39.62 -16.21
N GLY C 158 4.95 -38.39 -15.85
CA GLY C 158 4.45 -37.41 -16.80
C GLY C 158 2.95 -37.40 -16.97
N ASN C 159 2.24 -38.40 -16.45
CA ASN C 159 0.78 -38.47 -16.55
C ASN C 159 0.25 -38.94 -15.21
N SER C 160 -0.14 -38.00 -14.36
CA SER C 160 -0.72 -38.31 -13.06
C SER C 160 -1.16 -37.00 -12.43
N GLN C 161 -2.22 -37.06 -11.63
CA GLN C 161 -2.77 -35.87 -10.98
C GLN C 161 -2.80 -36.09 -9.47
N GLU C 162 -2.27 -35.13 -8.73
CA GLU C 162 -2.17 -35.20 -7.27
C GLU C 162 -3.03 -34.11 -6.66
N SER C 163 -3.85 -34.48 -5.67
CA SER C 163 -4.72 -33.53 -5.00
C SER C 163 -4.73 -33.81 -3.50
N VAL C 164 -4.60 -32.76 -2.69
CA VAL C 164 -4.61 -32.89 -1.24
C VAL C 164 -5.65 -31.93 -0.67
N THR C 165 -6.19 -32.28 0.49
CA THR C 165 -7.19 -31.46 1.15
C THR C 165 -6.49 -30.47 2.09
N GLU C 166 -7.25 -29.81 2.94
CA GLU C 166 -6.72 -28.90 3.94
C GLU C 166 -6.75 -29.55 5.31
N GLN C 167 -6.01 -28.96 6.24
CA GLN C 167 -5.89 -29.48 7.60
C GLN C 167 -7.26 -29.84 8.16
N ASP C 168 -7.42 -31.10 8.55
CA ASP C 168 -8.69 -31.56 9.08
C ASP C 168 -9.07 -30.74 10.31
N SER C 169 -10.36 -30.47 10.44
CA SER C 169 -10.83 -29.63 11.54
C SER C 169 -10.51 -30.26 12.89
N LYS C 170 -10.70 -31.58 13.02
CA LYS C 170 -10.53 -32.25 14.30
C LYS C 170 -9.12 -32.83 14.47
N ASP C 171 -8.73 -33.73 13.57
CA ASP C 171 -7.46 -34.43 13.71
C ASP C 171 -6.26 -33.66 13.16
N SER C 172 -6.49 -32.58 12.41
CA SER C 172 -5.41 -31.78 11.85
C SER C 172 -4.50 -32.64 10.97
N THR C 173 -5.12 -33.45 10.11
CA THR C 173 -4.40 -34.32 9.20
C THR C 173 -4.88 -34.08 7.77
N TYR C 174 -3.99 -34.35 6.81
CA TYR C 174 -4.28 -34.11 5.41
C TYR C 174 -4.85 -35.38 4.78
N SER C 175 -4.94 -35.40 3.45
CA SER C 175 -5.32 -36.59 2.71
C SER C 175 -5.04 -36.37 1.23
N LEU C 176 -4.36 -37.33 0.60
CA LEU C 176 -3.82 -37.16 -0.74
C LEU C 176 -4.38 -38.22 -1.67
N SER C 177 -4.63 -37.83 -2.92
CA SER C 177 -5.12 -38.73 -3.94
C SER C 177 -4.30 -38.54 -5.20
N SER C 178 -3.75 -39.63 -5.72
CA SER C 178 -2.99 -39.61 -6.96
C SER C 178 -3.70 -40.48 -7.98
N THR C 179 -4.06 -39.89 -9.11
CA THR C 179 -4.79 -40.56 -10.16
C THR C 179 -3.88 -40.77 -11.36
N LEU C 180 -3.79 -42.01 -11.82
CA LEU C 180 -3.05 -42.37 -13.03
C LEU C 180 -4.05 -42.64 -14.15
N THR C 181 -3.84 -42.01 -15.29
CA THR C 181 -4.72 -42.10 -16.44
C THR C 181 -3.98 -42.70 -17.62
N LEU C 182 -4.62 -43.65 -18.31
CA LEU C 182 -4.03 -44.29 -19.48
C LEU C 182 -5.12 -44.43 -20.53
N SER C 183 -4.84 -45.21 -21.57
CA SER C 183 -5.82 -45.55 -22.58
C SER C 183 -6.27 -46.99 -22.39
N LYS C 184 -7.51 -47.28 -22.81
CA LYS C 184 -8.06 -48.62 -22.61
C LYS C 184 -7.12 -49.68 -23.17
N ALA C 185 -6.62 -49.47 -24.38
CA ALA C 185 -5.68 -50.44 -24.95
C ALA C 185 -4.41 -50.51 -24.13
N ASP C 186 -3.87 -49.36 -23.72
CA ASP C 186 -2.66 -49.35 -22.92
C ASP C 186 -2.86 -50.06 -21.59
N TYR C 187 -3.99 -49.80 -20.93
CA TYR C 187 -4.27 -50.49 -19.67
C TYR C 187 -4.39 -51.99 -19.90
N GLU C 188 -5.08 -52.40 -20.97
CA GLU C 188 -5.25 -53.82 -21.24
C GLU C 188 -3.92 -54.50 -21.54
N LYS C 189 -2.96 -53.78 -22.14
CA LYS C 189 -1.69 -54.39 -22.48
C LYS C 189 -0.93 -54.83 -21.24
N HIS C 190 -0.95 -54.01 -20.19
CA HIS C 190 -0.16 -54.28 -19.00
C HIS C 190 -0.79 -55.39 -18.16
N LYS C 191 0.04 -56.00 -17.31
CA LYS C 191 -0.37 -57.14 -16.49
C LYS C 191 -0.80 -56.71 -15.08
N VAL C 192 0.09 -56.07 -14.33
CA VAL C 192 -0.15 -55.73 -12.94
C VAL C 192 0.25 -54.27 -12.72
N TYR C 193 -0.37 -53.64 -11.73
CA TYR C 193 -0.11 -52.25 -11.40
C TYR C 193 0.26 -52.13 -9.93
N ALA C 194 0.99 -51.07 -9.59
CA ALA C 194 1.46 -50.89 -8.22
C ALA C 194 1.58 -49.41 -7.90
N CYS C 195 1.55 -49.11 -6.61
CA CYS C 195 1.70 -47.75 -6.08
C CYS C 195 2.60 -47.81 -4.87
N GLU C 196 3.66 -47.00 -4.88
CA GLU C 196 4.64 -46.98 -3.80
C GLU C 196 4.59 -45.63 -3.10
N VAL C 197 4.49 -45.66 -1.78
CA VAL C 197 4.37 -44.47 -0.95
C VAL C 197 5.54 -44.44 0.01
N THR C 198 6.26 -43.32 0.05
CA THR C 198 7.32 -43.07 1.02
C THR C 198 6.96 -41.82 1.81
N HIS C 199 7.12 -41.91 3.13
CA HIS C 199 6.66 -40.86 4.02
C HIS C 199 7.53 -40.83 5.27
N GLN C 200 7.49 -39.69 5.95
CA GLN C 200 8.28 -39.53 7.18
C GLN C 200 7.88 -40.55 8.23
N GLY C 201 6.58 -40.80 8.37
CA GLY C 201 6.08 -41.74 9.35
C GLY C 201 6.20 -43.20 8.97
N LEU C 202 6.71 -43.48 7.78
CA LEU C 202 6.93 -44.85 7.32
C LEU C 202 8.41 -45.18 7.38
N SER C 203 8.75 -46.24 8.14
CA SER C 203 10.14 -46.67 8.19
C SER C 203 10.63 -47.11 6.83
N SER C 204 9.79 -47.84 6.09
CA SER C 204 10.11 -48.30 4.76
C SER C 204 8.95 -47.99 3.83
N PRO C 205 9.21 -47.81 2.53
CA PRO C 205 8.12 -47.51 1.60
C PRO C 205 7.11 -48.64 1.58
N VAL C 206 5.86 -48.28 1.33
CA VAL C 206 4.75 -49.24 1.25
C VAL C 206 4.36 -49.36 -0.22
N THR C 207 4.37 -50.58 -0.73
CA THR C 207 4.03 -50.88 -2.11
C THR C 207 2.75 -51.70 -2.13
N LYS C 208 1.66 -51.10 -2.63
CA LYS C 208 0.38 -51.77 -2.77
C LYS C 208 0.13 -52.02 -4.25
N SER C 209 -0.10 -53.28 -4.61
CA SER C 209 -0.19 -53.68 -6.00
C SER C 209 -1.44 -54.53 -6.22
N PHE C 210 -1.98 -54.44 -7.43
CA PHE C 210 -3.15 -55.21 -7.82
C PHE C 210 -2.99 -55.66 -9.27
N ASN C 211 -3.57 -56.82 -9.58
CA ASN C 211 -3.51 -57.37 -10.93
C ASN C 211 -4.74 -56.94 -11.73
N ARG C 212 -4.58 -56.94 -13.05
CA ARG C 212 -5.68 -56.58 -13.93
C ARG C 212 -6.80 -57.63 -13.91
N GLY C 213 -6.55 -58.80 -13.34
CA GLY C 213 -7.55 -59.84 -13.27
C GLY C 213 -7.38 -60.74 -12.05
C02 GJ9 D . 9.91 40.92 1.75
C03 GJ9 D . 10.25 42.07 2.68
C04 GJ9 D . 11.67 42.58 2.45
C06 GJ9 D . 13.96 41.94 2.61
C08 GJ9 D . 15.89 43.04 3.02
C09 GJ9 D . 16.81 44.00 3.75
C11 GJ9 D . 17.01 44.09 6.33
C12 GJ9 D . 17.53 45.12 7.34
C14 GJ9 D . 15.72 45.00 9.10
C15 GJ9 D . 14.56 44.27 8.61
C17 GJ9 D . 13.11 43.65 6.87
C18 GJ9 D . 12.31 42.83 7.71
C19 GJ9 D . 12.68 42.75 9.01
C20 GJ9 D . 13.79 43.47 9.49
C21 GJ9 D . 14.16 43.37 10.83
C22 GJ9 D . 15.23 44.04 11.32
C23 GJ9 D . 15.54 43.88 12.76
C24 GJ9 D . 16.04 44.87 10.47
C26 GJ9 D . 16.90 46.91 11.37
C27 GJ9 D . 18.17 47.73 11.07
C28 GJ9 D . 18.38 48.81 12.14
C29 GJ9 D . 17.48 50.06 11.91
C32 GJ9 D . 15.75 46.95 7.51
C33 GJ9 D . 15.30 46.76 6.04
C34 GJ9 D . 16.26 46.15 5.03
C35 GJ9 D . 16.31 42.30 1.97
C37 GJ9 D . 12.40 40.39 1.68
C38 GJ9 D . 10.97 39.84 1.90
N05 GJ9 D . 12.66 41.47 2.63
N07 GJ9 D . 14.54 42.85 3.42
N10 GJ9 D . 16.26 44.61 5.07
N13 GJ9 D . 16.55 45.86 8.20
N16 GJ9 D . 14.18 44.33 7.29
O01 GJ9 D . 8.67 40.39 2.08
O25 GJ9 D . 17.10 45.53 10.98
O30 GJ9 D . 17.94 51.20 12.06
O31 GJ9 D . 16.28 49.79 11.56
S36 GJ9 D . 15.09 41.30 1.36
H021 GJ9 D . 9.92 41.24 0.84
H031 GJ9 D . 9.63 42.80 2.54
H032 GJ9 D . 10.12 41.80 3.61
H041 GJ9 D . 11.86 43.35 3.01
H042 GJ9 D . 11.75 42.90 1.54
H092 GJ9 D . 17.64 43.54 3.95
H091 GJ9 D . 17.07 44.71 3.15
H111 GJ9 D . 17.74 43.53 6.03
H112 GJ9 D . 16.43 43.47 6.79
H121 GJ9 D . 18.17 44.72 7.94
H122 GJ9 D . 18.11 45.71 6.82
H171 GJ9 D . 12.91 43.74 5.98
H181 GJ9 D . 11.58 42.38 7.35
H191 GJ9 D . 12.18 42.22 9.59
H211 GJ9 D . 13.64 42.83 11.39
H233 GJ9 D . 16.25 43.24 12.90
H232 GJ9 D . 15.81 44.70 13.19
H231 GJ9 D . 14.77 43.56 13.26
H261 GJ9 D . 16.13 47.28 10.91
H262 GJ9 D . 16.74 46.97 12.32
H272 GJ9 D . 18.12 48.13 10.19
H271 GJ9 D . 18.95 47.15 11.05
H281 GJ9 D . 19.29 49.16 12.17
H282 GJ9 D . 18.23 48.46 13.02
H321 GJ9 D . 16.30 47.76 7.52
H322 GJ9 D . 14.98 47.21 8.03
H331 GJ9 D . 15.08 47.65 5.71
H332 GJ9 D . 14.44 46.34 6.00
H341 GJ9 D . 17.15 46.47 5.17
H342 GJ9 D . 16.02 46.45 4.14
H351 GJ9 D . 17.15 42.28 1.58
H372 GJ9 D . 13.03 39.66 1.80
H371 GJ9 D . 12.51 40.68 0.77
H382 GJ9 D . 10.88 39.43 2.78
H381 GJ9 D . 10.80 39.13 1.27
H101 GJ9 D . 15.43 44.33 5.15
H011 GJ9 D . 8.41 39.92 1.42
C1 CLR E . 19.27 21.87 3.52
C2 CLR E . 18.81 20.44 3.49
C3 CLR E . 18.41 19.99 2.12
C4 CLR E . 19.61 20.19 1.18
C5 CLR E . 20.19 21.59 1.21
C6 CLR E . 20.44 22.18 0.06
C7 CLR E . 21.01 23.60 -0.05
C8 CLR E . 21.58 24.09 1.29
C9 CLR E . 20.63 23.72 2.45
C10 CLR E . 20.45 22.19 2.60
C11 CLR E . 21.02 24.44 3.75
C12 CLR E . 21.12 25.96 3.59
C13 CLR E . 22.16 26.31 2.52
C14 CLR E . 21.66 25.59 1.21
C15 CLR E . 22.57 26.19 0.09
C16 CLR E . 22.78 27.67 0.58
C17 CLR E . 22.06 27.78 1.98
C18 CLR E . 23.57 25.94 2.88
C19 CLR E . 21.74 21.58 3.18
C20 CLR E . 22.72 28.88 2.80
C21 CLR E . 22.23 28.98 4.25
C22 CLR E . 22.28 30.19 2.06
C23 CLR E . 23.47 30.98 1.50
C24 CLR E . 24.05 31.74 2.74
C25 CLR E . 25.36 31.06 3.17
C26 CLR E . 26.51 31.89 2.61
C27 CLR E . 25.44 30.82 4.68
O1 CLR E . 17.95 18.66 2.06
H11 CLR E . 18.55 22.49 3.34
H12 CLR E . 19.49 22.14 4.43
H21 CLR E . 19.47 19.85 3.90
H22 CLR E . 18.09 20.30 4.14
H3 CLR E . 17.67 20.52 1.81
H41 CLR E . 20.30 19.53 1.35
H42 CLR E . 19.36 19.98 0.27
H6 CLR E . 20.24 21.75 -0.73
H71 CLR E . 21.68 23.63 -0.76
H72 CLR E . 20.37 24.22 -0.41
H8 CLR E . 22.45 23.70 1.46
H9 CLR E . 19.75 24.06 2.23
H111 CLR E . 20.43 24.20 4.48
H112 CLR E . 21.86 24.08 4.09
H121 CLR E . 20.25 26.34 3.38
H122 CLR E . 21.29 26.38 4.44
H14 CLR E . 20.75 25.87 1.03
H151 CLR E . 23.40 25.69 -0.03
H152 CLR E . 22.19 26.13 -0.80
H161 CLR E . 23.73 27.89 0.63
H162 CLR E . 22.49 28.32 -0.08
H17 CLR E . 21.12 28.00 1.93
H181 CLR E . 24.23 26.57 2.54
H182 CLR E . 23.76 25.84 3.82
H183 CLR E . 23.87 25.13 2.46
H191 CLR E . 21.77 20.61 3.14
H192 CLR E . 22.55 21.92 2.76
H193 CLR E . 21.82 21.73 4.13
H20 CLR E . 23.68 28.74 2.83
H211 CLR E . 22.50 29.83 4.64
H212 CLR E . 21.27 28.90 4.36
H213 CLR E . 22.66 28.33 4.83
H221 CLR E . 21.64 30.00 1.36
H222 CLR E . 21.75 30.74 2.67
H231 CLR E . 24.11 30.43 1.04
H232 CLR E . 23.20 31.58 0.78
H241 CLR E . 24.19 32.68 2.54
H242 CLR E . 23.42 31.79 3.48
H25 CLR E . 25.41 30.16 2.80
H261 CLR E . 26.50 32.81 2.91
H262 CLR E . 27.37 31.50 2.84
H263 CLR E . 26.47 32.02 1.64
H271 CLR E . 26.25 30.37 4.96
H272 CLR E . 25.36 31.63 5.22
H273 CLR E . 24.76 30.22 4.99
H1 CLR E . 17.95 18.34 1.27
C1 CLR F . 3.79 20.23 -10.61
C2 CLR F . 3.61 18.76 -10.90
C3 CLR F . 4.48 18.30 -12.05
C4 CLR F . 5.95 18.64 -11.75
C5 CLR F . 6.17 20.09 -11.36
C6 CLR F . 7.13 20.76 -11.95
C7 CLR F . 7.45 22.23 -11.65
C8 CLR F . 6.83 22.65 -10.31
C9 CLR F . 5.36 22.18 -10.24
C10 CLR F . 5.22 20.64 -10.27
C11 CLR F . 4.59 22.84 -9.09
C12 CLR F . 4.76 24.37 -9.03
C13 CLR F . 6.25 24.71 -8.89
C14 CLR F . 6.88 24.14 -10.23
C15 CLR F . 8.28 24.83 -10.31
C16 CLR F . 8.07 26.21 -9.58
C17 CLR F . 6.57 26.23 -9.08
C18 CLR F . 6.90 24.15 -7.66
C19 CLR F . 5.64 20.05 -8.91
C20 CLR F . 6.49 27.08 -7.81
C21 CLR F . 5.16 26.97 -7.05
C22 CLR F . 6.61 28.57 -8.32
C23 CLR F . 6.50 29.58 -7.17
C24 CLR F . 7.24 30.85 -7.71
C25 CLR F . 6.96 32.02 -6.77
C26 CLR F . 7.80 31.79 -5.51
C27 CLR F . 7.18 33.39 -7.41
O1 CLR F . 4.35 16.92 -12.34
H11 CLR F . 3.46 20.79 -11.32
H12 CLR F . 3.20 20.49 -9.88
H21 CLR F . 3.75 18.23 -10.11
H22 CLR F . 2.67 18.56 -11.07
H3 CLR F . 4.20 18.74 -12.86
H41 CLR F . 6.31 18.05 -11.07
H42 CLR F . 6.50 18.43 -12.51
H6 CLR F . 7.65 20.33 -12.61
H71 CLR F . 8.40 22.38 -11.69
H72 CLR F . 7.16 22.81 -12.37
H8 CLR F . 7.33 22.24 -9.58
H9 CLR F . 4.92 22.49 -11.04
H111 CLR F . 3.65 22.60 -9.11
H112 CLR F . 4.84 22.45 -8.23
H121 CLR F . 4.36 24.77 -9.82
H122 CLR F . 4.20 24.74 -8.34
H14 CLR F . 6.35 24.45 -10.98
H151 CLR F . 8.98 24.28 -9.92
H152 CLR F . 8.62 24.92 -11.22
H161 CLR F . 8.71 26.32 -8.85
H162 CLR F . 8.31 26.96 -10.14
H17 CLR F . 5.94 26.62 -9.71
H181 CLR F . 7.85 24.33 -7.61
H182 CLR F . 6.52 24.43 -6.82
H183 CLR F . 6.89 23.18 -7.63
H191 CLR F . 6.48 20.40 -8.58
H192 CLR F . 4.97 20.15 -8.22
H193 CLR F . 5.85 19.10 -8.98
H20 CLR F . 7.18 26.83 -7.18
H211 CLR F . 5.19 27.46 -6.21
H212 CLR F . 4.39 27.28 -7.54
H213 CLR F . 4.98 26.07 -6.75
H221 CLR F . 7.43 28.69 -8.81
H222 CLR F . 5.93 28.74 -8.99
H231 CLR F . 5.58 29.75 -6.90
H232 CLR F . 6.89 29.24 -6.34
H241 CLR F . 8.19 30.69 -7.83
H242 CLR F . 6.97 31.06 -8.62
H25 CLR F . 6.02 32.03 -6.53
H261 CLR F . 7.80 32.56 -4.91
H262 CLR F . 7.48 31.02 -5.02
H263 CLR F . 8.75 31.69 -5.69
H271 CLR F . 6.97 34.13 -6.83
H272 CLR F . 8.07 33.55 -7.76
H273 CLR F . 6.57 33.54 -8.15
H1 CLR F . 3.76 16.75 -12.93
#